data_8HGO
#
_entry.id   8HGO
#
_cell.length_a   1.00
_cell.length_b   1.00
_cell.length_c   1.00
_cell.angle_alpha   90.00
_cell.angle_beta   90.00
_cell.angle_gamma   90.00
#
_symmetry.space_group_name_H-M   'P 1'
#
loop_
_entity.id
_entity.type
_entity.pdbx_description
1 polymer 'Receptor tyrosine-protein kinase erbB-2'
2 polymer 'Epidermal growth factor receptor'
3 polymer 'Epidermal growth factor'
4 branched alpha-D-mannopyranose-(1-3)-beta-D-mannopyranose-(1-3)-2-acetamido-2-deoxy-beta-D-glucopyranose-(1-4)-2-acetamido-2-deoxy-beta-D-glucopyranose
5 branched 2-acetamido-2-deoxy-beta-D-glucopyranose-(1-4)-2-acetamido-2-deoxy-beta-D-glucopyranose
6 non-polymer 2-acetamido-2-deoxy-beta-D-glucopyranose
#
loop_
_entity_poly.entity_id
_entity_poly.type
_entity_poly.pdbx_seq_one_letter_code
_entity_poly.pdbx_strand_id
1 'polypeptide(L)'
;MELAALCRWGLLLALLPPGAASTQVCTGTDMKLRLPASPETHLDMLRHLYQGCQVVQGNLELTYLPTNASLSFLQDIQEV
QGYVLIAHNQVRQVPLQRLRIVRGTQLFEDNYALAVLDNGDPLNNTTPVTGASPGGLRELQLRSLTEILKGGVLIQRNPQ
LCYQDTILWKDIFHKNNQLALTLIDTNRSRACHPCSPMCKGSRCWGESSEDCQSLTRTVCAGGCARCKGPLPTDCCHEQC
AAGCTGPKHSDCLACLHFNHSGICELHCPALVTYNTDTFESMPNPEGRYTFGASCVTACPYNYLSTDVGSCTLVCPLHNQ
EVTAEDGTQRCEKCSKPCARVCYGLGMEHLREVRAVTSANIQEFAGCKKIFGSLAFLPESFDGDPASNTAPLQPEQLQVF
ETLEEITGYLYISAWPDSLPDLSVFQNLQVIRGRILHNGAYSLTLQGLGISWLGLRSLRELGSGLALIHHNTHLCFVHTV
PWDQLFRNPHQALLHTANRPEDECVGEGLACHQLCARGHCWGPGPTQCVNCSQFLRGQECVEECRVLQGLPREYVNARHC
LPCHPECQPQNGSVTCFGPEADQCVACAHYKDPPFCVARCPSGVKPDLSYMPIWKFPDEEGACQPCPINCTHSCVDLDDK
GCPAEQRASPLTSIISAVVGILLVVVLGVVFGILIKRRQQKIRKYTMRRLLQEGGSENLYFQGGGSAQLEKELQALEKEN
AQLEWELQALEKELAQSNSLEVLFQ
;
B
2 'polypeptide(L)'
;MRPSGTAGAALLALLAALCPASRALEEKKVCQGTSNKLTQLGTFEDHFLSLQRMFNNCEVVLGNLEITYVQRNYDLSFLK
TIQEVAGYVLIALNTVERIPLENLQIIRGNMYYENSYALAVLSNYDANKTGLKELPMRNLQEILHGAVRFSNNPALCNVE
SIQWRDIVSSDFLSNMSMDFQNHLGSCQKCDPSCPNGSCWGAGEENCQKLTKIICAQQCSGRCRGKSPSDCCHNQCAAGC
TGPRESDCLVCRKFRDEATCKDTCPPLMLYNPTTYQMDVNPEGKYSFGATCVKKCPRNYVVTDHGSCVRACGADSYEMEE
DGVRKCKKCEGPCRKVCNGIGIGEFKDSLSINATNIKHFKNCTSISGDLHILPVAFRGDSFTHTPPLDPQELDILKTVKE
ITGFLLIQAWPENRTDLHAFENLEIIRGRTKQHGQFSLAVVSLNITSLGLRSLKEISDGDVIISGNKNLCYANTINWKKL
FGTSGQKTKIISNRGENSCKATGQVCHALCSPEGCWGPEPRDCVSCRNVSRGRECVDKCNLLEGEPREFVENSECIQCHP
ECLPQAMNITCTGRGPDNCIQCAHYIDGPHCVKTCPAGVMGENNTLVWKYADAGHVCHLCHPNCTYGCTGPGLEGCPTNG
PKIPSIATGMVGALLLLLVVALGIGLFMRRRHIVRKRTLRRLLGGSENLYFQGGGSAAQLKKKLQALKKKNAQLKWKLQA
LKKKLAQSNSLEVLFQ
;
A
3 'polypeptide(L)' GPTANSDSECPLSHDGYCLHDGVCMYIEALDKYACNCVVGYIGERCQYRDLKWWELR C
#
# COMPACT_ATOMS: atom_id res chain seq x y z
N GLN A 24 -13.20 -12.12 20.96
CA GLN A 24 -14.13 -11.10 21.43
C GLN A 24 -14.78 -10.37 20.27
N VAL A 25 -14.66 -10.94 19.08
CA VAL A 25 -15.21 -10.36 17.85
C VAL A 25 -16.23 -11.33 17.28
N CYS A 26 -17.48 -10.87 17.17
CA CYS A 26 -18.55 -11.63 16.56
C CYS A 26 -19.22 -10.81 15.48
N THR A 27 -19.88 -11.52 14.55
CA THR A 27 -20.29 -10.94 13.28
C THR A 27 -21.70 -10.35 13.27
N GLY A 28 -22.53 -10.67 14.27
CA GLY A 28 -23.87 -10.09 14.35
C GLY A 28 -24.88 -10.68 13.40
N THR A 29 -26.14 -10.74 13.83
CA THR A 29 -27.20 -11.37 13.05
C THR A 29 -27.81 -10.38 12.06
N ASP A 30 -28.71 -10.89 11.22
CA ASP A 30 -29.35 -10.09 10.16
C ASP A 30 -30.84 -10.42 10.10
N MET A 31 -31.49 -10.42 11.27
CA MET A 31 -32.93 -10.68 11.37
C MET A 31 -33.63 -9.35 11.53
N LYS A 32 -34.13 -8.79 10.42
CA LYS A 32 -34.82 -7.51 10.43
C LYS A 32 -36.13 -7.57 11.21
N LEU A 33 -37.12 -8.31 10.69
CA LEU A 33 -38.40 -8.46 11.35
C LEU A 33 -38.98 -9.86 11.25
N ARG A 34 -38.27 -10.81 10.66
CA ARG A 34 -38.82 -12.13 10.38
C ARG A 34 -38.85 -12.98 11.65
N LEU A 35 -39.68 -14.02 11.60
CA LEU A 35 -39.78 -14.96 12.70
C LEU A 35 -38.52 -15.82 12.76
N PRO A 36 -38.13 -16.29 13.94
CA PRO A 36 -37.00 -17.23 14.04
C PRO A 36 -37.35 -18.57 13.43
N ALA A 37 -36.31 -19.22 12.87
CA ALA A 37 -36.50 -20.53 12.27
C ALA A 37 -36.77 -21.60 13.34
N SER A 38 -36.16 -21.45 14.51
CA SER A 38 -36.39 -22.35 15.62
C SER A 38 -36.42 -21.55 16.92
N PRO A 39 -37.59 -21.41 17.56
CA PRO A 39 -37.65 -20.61 18.79
C PRO A 39 -36.96 -21.27 19.98
N GLU A 40 -36.73 -22.58 19.95
CA GLU A 40 -36.09 -23.24 21.08
C GLU A 40 -34.58 -23.02 21.10
N THR A 41 -33.97 -22.75 19.95
CA THR A 41 -32.53 -22.56 19.86
C THR A 41 -32.15 -21.14 19.44
N HIS A 42 -33.08 -20.19 19.52
CA HIS A 42 -32.77 -18.81 19.18
C HIS A 42 -32.01 -18.12 20.30
N LEU A 43 -32.48 -18.29 21.54
CA LEU A 43 -31.71 -17.83 22.70
C LEU A 43 -30.39 -18.59 22.82
N ASP A 44 -30.38 -19.86 22.43
CA ASP A 44 -29.13 -20.61 22.38
C ASP A 44 -28.20 -20.09 21.29
N MET A 45 -28.77 -19.62 20.17
CA MET A 45 -27.97 -18.97 19.13
C MET A 45 -27.33 -17.68 19.64
N LEU A 46 -28.11 -16.86 20.34
CA LEU A 46 -27.57 -15.62 20.90
C LEU A 46 -26.55 -15.91 22.00
N ARG A 47 -26.73 -17.03 22.73
CA ARG A 47 -25.76 -17.42 23.75
C ARG A 47 -24.45 -17.90 23.12
N HIS A 48 -24.51 -18.66 22.03
CA HIS A 48 -23.28 -19.09 21.39
C HIS A 48 -22.59 -17.98 20.62
N LEU A 49 -23.32 -16.96 20.15
CA LEU A 49 -22.67 -15.91 19.38
C LEU A 49 -22.23 -14.73 20.25
N TYR A 50 -23.18 -14.10 20.95
CA TYR A 50 -22.92 -12.81 21.58
C TYR A 50 -22.21 -12.91 22.94
N GLN A 51 -21.78 -14.10 23.35
CA GLN A 51 -21.06 -14.24 24.62
C GLN A 51 -19.60 -13.87 24.44
N GLY A 52 -19.10 -13.00 25.31
CA GLY A 52 -17.73 -12.55 25.25
C GLY A 52 -17.44 -11.49 24.22
N CYS A 53 -18.45 -11.00 23.50
CA CYS A 53 -18.24 -9.97 22.50
C CYS A 53 -18.08 -8.61 23.17
N GLN A 54 -17.22 -7.78 22.57
CA GLN A 54 -17.07 -6.39 22.98
C GLN A 54 -17.21 -5.49 21.77
N VAL A 55 -16.81 -6.00 20.61
CA VAL A 55 -16.91 -5.28 19.34
C VAL A 55 -17.77 -6.12 18.40
N VAL A 56 -18.93 -5.60 18.04
CA VAL A 56 -19.84 -6.28 17.13
C VAL A 56 -19.64 -5.72 15.74
N GLN A 57 -19.21 -6.57 14.81
CA GLN A 57 -18.96 -6.12 13.44
C GLN A 57 -20.26 -5.86 12.69
N GLY A 58 -21.32 -6.58 13.03
CA GLY A 58 -22.59 -6.41 12.34
C GLY A 58 -23.64 -5.69 13.16
N ASN A 59 -24.65 -6.42 13.60
CA ASN A 59 -25.81 -5.83 14.24
C ASN A 59 -26.12 -6.53 15.55
N LEU A 60 -26.44 -5.73 16.58
CA LEU A 60 -26.86 -6.26 17.87
C LEU A 60 -28.38 -6.36 17.83
N GLU A 61 -28.87 -7.55 17.47
CA GLU A 61 -30.30 -7.78 17.30
C GLU A 61 -30.80 -8.76 18.35
N LEU A 62 -31.88 -8.38 19.04
CA LEU A 62 -32.53 -9.22 20.04
C LEU A 62 -34.00 -9.31 19.64
N THR A 63 -34.35 -10.40 18.95
CA THR A 63 -35.69 -10.60 18.40
C THR A 63 -36.32 -11.83 19.02
N TYR A 64 -37.54 -11.66 19.53
CA TYR A 64 -38.42 -12.74 20.00
C TYR A 64 -37.80 -13.53 21.16
N LEU A 65 -37.53 -12.82 22.25
CA LEU A 65 -37.02 -13.46 23.46
C LEU A 65 -38.12 -13.52 24.51
N PRO A 66 -38.55 -14.70 24.93
CA PRO A 66 -39.59 -14.81 25.96
C PRO A 66 -39.03 -14.57 27.35
N THR A 67 -39.89 -14.74 28.35
CA THR A 67 -39.49 -14.56 29.73
C THR A 67 -38.61 -15.73 30.19
N ASN A 68 -37.95 -15.51 31.33
CA ASN A 68 -36.97 -16.42 31.93
C ASN A 68 -35.84 -16.72 30.95
N ALA A 69 -35.22 -15.65 30.46
CA ALA A 69 -34.13 -15.73 29.50
C ALA A 69 -32.85 -15.27 30.17
N SER A 70 -31.87 -16.16 30.28
CA SER A 70 -30.58 -15.85 30.88
C SER A 70 -29.78 -14.98 29.91
N LEU A 71 -29.78 -13.67 30.15
CA LEU A 71 -29.10 -12.70 29.30
C LEU A 71 -27.76 -12.27 29.88
N SER A 72 -27.05 -13.19 30.54
CA SER A 72 -25.76 -12.86 31.14
C SER A 72 -24.64 -12.73 30.11
N PHE A 73 -24.89 -13.06 28.85
CA PHE A 73 -23.91 -12.92 27.78
C PHE A 73 -23.87 -11.52 27.19
N LEU A 74 -24.73 -10.61 27.65
CA LEU A 74 -24.82 -9.26 27.11
C LEU A 74 -24.12 -8.22 27.96
N GLN A 75 -23.46 -8.63 29.04
CA GLN A 75 -22.92 -7.71 30.03
C GLN A 75 -21.53 -7.18 29.68
N ASP A 76 -21.05 -7.43 28.46
CA ASP A 76 -19.73 -6.92 28.07
C ASP A 76 -19.67 -6.39 26.64
N ILE A 77 -20.80 -6.29 25.95
CA ILE A 77 -20.80 -5.77 24.58
C ILE A 77 -20.72 -4.24 24.63
N GLN A 78 -19.70 -3.69 23.97
CA GLN A 78 -19.44 -2.25 23.99
C GLN A 78 -19.65 -1.60 22.63
N GLU A 79 -19.01 -2.10 21.59
CA GLU A 79 -19.02 -1.49 20.28
C GLU A 79 -19.93 -2.25 19.33
N VAL A 80 -20.87 -1.54 18.71
CA VAL A 80 -21.75 -2.09 17.68
C VAL A 80 -21.57 -1.25 16.43
N GLN A 81 -21.07 -1.88 15.36
CA GLN A 81 -20.82 -1.16 14.12
C GLN A 81 -22.08 -0.86 13.34
N GLY A 82 -23.15 -1.63 13.54
CA GLY A 82 -24.40 -1.37 12.86
C GLY A 82 -25.45 -0.81 13.81
N TYR A 83 -26.69 -1.26 13.66
CA TYR A 83 -27.79 -0.79 14.50
C TYR A 83 -28.03 -1.74 15.66
N VAL A 84 -28.76 -1.25 16.65
CA VAL A 84 -29.15 -2.02 17.83
C VAL A 84 -30.66 -2.15 17.81
N LEU A 85 -31.13 -3.39 17.62
CA LEU A 85 -32.55 -3.70 17.53
C LEU A 85 -32.98 -4.53 18.73
N ILE A 86 -34.05 -4.09 19.40
CA ILE A 86 -34.71 -4.86 20.45
C ILE A 86 -36.17 -4.96 20.01
N ALA A 87 -36.55 -6.11 19.46
CA ALA A 87 -37.84 -6.26 18.82
C ALA A 87 -38.58 -7.48 19.36
N HIS A 88 -39.86 -7.29 19.66
CA HIS A 88 -40.83 -8.37 19.97
C HIS A 88 -40.40 -9.21 21.18
N ASN A 89 -39.70 -8.61 22.13
CA ASN A 89 -39.17 -9.34 23.28
C ASN A 89 -40.07 -9.15 24.49
N GLN A 90 -40.13 -10.19 25.33
CA GLN A 90 -40.96 -10.19 26.52
C GLN A 90 -40.13 -10.23 27.80
N VAL A 91 -38.84 -9.93 27.72
CA VAL A 91 -38.00 -9.92 28.91
C VAL A 91 -38.28 -8.68 29.74
N ARG A 92 -37.97 -8.76 31.03
CA ARG A 92 -38.20 -7.63 31.92
C ARG A 92 -37.13 -6.56 31.74
N GLN A 93 -35.89 -6.96 31.51
CA GLN A 93 -34.80 -6.00 31.32
C GLN A 93 -33.80 -6.59 30.35
N VAL A 94 -33.14 -5.70 29.60
CA VAL A 94 -32.07 -6.07 28.69
C VAL A 94 -30.76 -5.52 29.27
N PRO A 95 -29.88 -6.37 29.79
CA PRO A 95 -28.63 -5.88 30.41
C PRO A 95 -27.56 -5.45 29.40
N LEU A 96 -27.74 -4.25 28.87
CA LEU A 96 -26.74 -3.64 27.99
C LEU A 96 -26.17 -2.39 28.64
N GLN A 97 -25.84 -2.49 29.94
CA GLN A 97 -25.28 -1.35 30.68
C GLN A 97 -23.87 -1.00 30.21
N ARG A 98 -23.16 -1.94 29.59
CA ARG A 98 -21.82 -1.70 29.09
C ARG A 98 -21.81 -1.35 27.60
N LEU A 99 -22.96 -1.06 27.01
CA LEU A 99 -23.02 -0.60 25.63
C LEU A 99 -22.45 0.79 25.53
N ARG A 100 -21.37 0.95 24.77
CA ARG A 100 -20.59 2.18 24.76
C ARG A 100 -20.82 3.03 23.52
N ILE A 101 -20.71 2.45 22.33
CA ILE A 101 -20.82 3.20 21.09
C ILE A 101 -21.66 2.39 20.10
N VAL A 102 -22.51 3.09 19.34
CA VAL A 102 -23.27 2.51 18.25
C VAL A 102 -22.87 3.27 16.98
N ARG A 103 -22.08 2.63 16.12
CA ARG A 103 -21.54 3.33 14.96
C ARG A 103 -22.57 3.47 13.86
N GLY A 104 -23.33 2.42 13.56
CA GLY A 104 -24.39 2.51 12.58
C GLY A 104 -23.90 2.53 11.14
N THR A 105 -22.98 1.64 10.80
CA THR A 105 -22.58 1.50 9.40
C THR A 105 -23.69 0.86 8.58
N GLN A 106 -24.45 -0.05 9.18
CA GLN A 106 -25.67 -0.59 8.59
C GLN A 106 -26.85 -0.20 9.45
N LEU A 107 -27.85 0.42 8.85
CA LEU A 107 -29.01 0.92 9.56
C LEU A 107 -30.22 0.04 9.27
N PHE A 108 -31.10 -0.09 10.26
CA PHE A 108 -32.30 -0.92 10.14
C PHE A 108 -33.25 -0.39 9.08
N GLU A 109 -33.82 0.78 9.32
CA GLU A 109 -34.53 1.54 8.30
C GLU A 109 -33.54 2.54 7.70
N ASP A 110 -34.03 3.53 6.97
CA ASP A 110 -33.14 4.46 6.27
C ASP A 110 -32.37 5.37 7.23
N ASN A 111 -32.99 5.80 8.32
CA ASN A 111 -32.39 6.78 9.22
C ASN A 111 -32.62 6.38 10.68
N TYR A 112 -32.39 5.12 11.03
CA TYR A 112 -32.58 4.66 12.38
C TYR A 112 -31.46 3.72 12.80
N ALA A 113 -30.95 3.92 14.02
CA ALA A 113 -29.86 3.10 14.55
C ALA A 113 -30.16 2.44 15.89
N LEU A 114 -31.12 2.93 16.66
CA LEU A 114 -31.53 2.32 17.92
C LEU A 114 -33.04 2.11 17.85
N ALA A 115 -33.47 0.88 17.58
CA ALA A 115 -34.87 0.58 17.34
C ALA A 115 -35.39 -0.37 18.41
N VAL A 116 -36.26 0.14 19.28
CA VAL A 116 -36.89 -0.64 20.33
C VAL A 116 -38.38 -0.71 19.97
N LEU A 117 -38.83 -1.87 19.48
CA LEU A 117 -40.13 -2.01 18.85
C LEU A 117 -40.89 -3.19 19.41
N ASP A 118 -42.19 -2.98 19.66
CA ASP A 118 -43.20 -4.04 19.85
C ASP A 118 -42.90 -4.96 21.03
N ASN A 119 -42.29 -4.42 22.09
CA ASN A 119 -41.89 -5.21 23.25
C ASN A 119 -42.98 -5.08 24.31
N GLY A 120 -43.91 -6.03 24.31
CA GLY A 120 -45.00 -6.03 25.27
C GLY A 120 -46.31 -6.52 24.68
N PRO A 134 -45.99 -9.92 34.28
CA PRO A 134 -46.26 -9.33 32.97
C PRO A 134 -45.00 -9.15 32.13
N GLY A 135 -45.15 -9.19 30.81
CA GLY A 135 -44.03 -9.02 29.91
C GLY A 135 -43.72 -7.56 29.63
N GLY A 136 -42.96 -7.34 28.57
CA GLY A 136 -42.59 -6.00 28.17
C GLY A 136 -41.35 -5.48 28.88
N LEU A 137 -40.66 -4.54 28.25
CA LEU A 137 -39.44 -3.98 28.83
C LEU A 137 -39.78 -3.01 29.95
N ARG A 138 -39.19 -3.23 31.12
CA ARG A 138 -39.43 -2.35 32.26
C ARG A 138 -38.54 -1.11 32.18
N GLU A 139 -37.22 -1.30 32.15
CA GLU A 139 -36.27 -0.22 31.98
C GLU A 139 -35.24 -0.59 30.92
N LEU A 140 -34.72 0.42 30.22
CA LEU A 140 -33.72 0.18 29.20
C LEU A 140 -32.35 -0.07 29.79
N GLN A 141 -31.96 0.75 30.78
CA GLN A 141 -30.68 0.66 31.50
C GLN A 141 -29.48 0.77 30.57
N LEU A 142 -29.52 1.78 29.70
CA LEU A 142 -28.41 2.07 28.80
C LEU A 142 -27.58 3.19 29.43
N ARG A 143 -26.71 2.79 30.35
CA ARG A 143 -25.98 3.77 31.16
C ARG A 143 -24.83 4.39 30.37
N SER A 144 -23.94 3.57 29.83
CA SER A 144 -22.73 4.06 29.17
C SER A 144 -22.95 4.46 27.72
N LEU A 145 -24.18 4.34 27.20
CA LEU A 145 -24.45 4.72 25.81
C LEU A 145 -24.51 6.24 25.70
N THR A 146 -23.49 6.83 25.07
CA THR A 146 -23.45 8.27 24.91
C THR A 146 -22.94 8.72 23.54
N GLU A 147 -22.86 7.82 22.56
CA GLU A 147 -22.41 8.19 21.23
C GLU A 147 -23.11 7.32 20.19
N ILE A 148 -23.80 7.97 19.25
CA ILE A 148 -24.33 7.34 18.05
C ILE A 148 -23.83 8.13 16.86
N LEU A 149 -23.06 7.49 15.98
CA LEU A 149 -22.45 8.19 14.86
C LEU A 149 -23.47 8.50 13.78
N LYS A 150 -24.09 7.47 13.21
CA LYS A 150 -25.06 7.63 12.13
C LYS A 150 -26.34 6.89 12.47
N GLY A 151 -27.46 7.53 12.19
CA GLY A 151 -28.77 6.94 12.42
C GLY A 151 -29.54 7.68 13.50
N GLY A 152 -30.79 7.24 13.68
CA GLY A 152 -31.67 7.83 14.66
C GLY A 152 -32.25 6.83 15.64
N VAL A 153 -33.30 7.23 16.35
CA VAL A 153 -33.91 6.41 17.41
C VAL A 153 -35.38 6.21 17.07
N LEU A 154 -35.82 4.95 17.14
CA LEU A 154 -37.22 4.56 16.93
C LEU A 154 -37.64 3.71 18.13
N ILE A 155 -38.21 4.35 19.14
CA ILE A 155 -38.78 3.65 20.29
C ILE A 155 -40.30 3.73 20.13
N GLN A 156 -40.94 2.60 19.85
CA GLN A 156 -42.34 2.65 19.48
C GLN A 156 -43.05 1.37 19.93
N ARG A 157 -44.30 1.54 20.39
CA ARG A 157 -45.23 0.46 20.73
C ARG A 157 -44.69 -0.41 21.86
N ASN A 158 -44.41 0.25 22.99
CA ASN A 158 -43.87 -0.41 24.18
C ASN A 158 -44.62 0.11 25.39
N PRO A 159 -45.79 -0.49 25.72
CA PRO A 159 -46.57 0.02 26.85
C PRO A 159 -46.14 -0.56 28.19
N GLN A 160 -44.83 -0.65 28.45
CA GLN A 160 -44.30 -1.05 29.74
C GLN A 160 -43.09 -0.22 30.15
N LEU A 161 -42.63 0.71 29.31
CA LEU A 161 -41.39 1.43 29.54
C LEU A 161 -41.68 2.86 30.01
N CYS A 162 -40.89 3.33 30.97
CA CYS A 162 -41.12 4.63 31.57
C CYS A 162 -40.31 5.75 30.91
N TYR A 163 -38.99 5.63 30.90
CA TYR A 163 -38.10 6.77 30.69
C TYR A 163 -37.56 6.84 29.26
N GLN A 164 -38.37 6.49 28.26
CA GLN A 164 -37.90 6.59 26.88
C GLN A 164 -38.02 8.00 26.32
N ASP A 165 -38.81 8.87 26.95
CA ASP A 165 -39.04 10.22 26.44
C ASP A 165 -38.24 11.29 27.15
N THR A 166 -37.69 11.01 28.34
CA THR A 166 -36.96 11.99 29.12
C THR A 166 -35.45 11.90 28.92
N ILE A 167 -35.01 11.32 27.82
CA ILE A 167 -33.59 11.19 27.49
C ILE A 167 -33.21 12.28 26.50
N LEU A 168 -32.18 13.05 26.84
CA LEU A 168 -31.66 14.08 25.93
C LEU A 168 -30.84 13.40 24.86
N TRP A 169 -31.44 13.19 23.69
CA TRP A 169 -30.76 12.48 22.61
C TRP A 169 -29.77 13.36 21.86
N LYS A 170 -29.82 14.69 22.04
CA LYS A 170 -28.83 15.56 21.42
C LYS A 170 -27.47 15.45 22.10
N ASP A 171 -27.43 14.99 23.35
CA ASP A 171 -26.16 14.75 24.02
C ASP A 171 -25.45 13.53 23.46
N ILE A 172 -26.21 12.54 22.97
CA ILE A 172 -25.62 11.32 22.47
C ILE A 172 -25.17 11.49 21.02
N PHE A 173 -25.95 12.22 20.22
CA PHE A 173 -25.74 12.26 18.78
C PHE A 173 -24.51 13.10 18.41
N HIS A 174 -23.96 12.79 17.23
CA HIS A 174 -22.82 13.49 16.68
C HIS A 174 -23.28 14.83 16.08
N LYS A 175 -22.31 15.68 15.76
CA LYS A 175 -22.62 17.01 15.23
C LYS A 175 -23.21 16.95 13.82
N ASN A 176 -22.83 15.93 13.03
CA ASN A 176 -23.30 15.86 11.65
C ASN A 176 -24.78 15.45 11.58
N ASN A 177 -25.21 14.56 12.47
CA ASN A 177 -26.60 14.11 12.51
C ASN A 177 -27.37 14.74 13.66
N GLN A 178 -27.17 16.03 13.93
CA GLN A 178 -27.93 16.72 14.96
C GLN A 178 -29.40 16.86 14.59
N LEU A 179 -29.73 16.85 13.31
CA LEU A 179 -31.12 16.83 12.85
C LEU A 179 -31.55 15.39 12.53
N ALA A 180 -31.43 14.52 13.54
CA ALA A 180 -31.74 13.12 13.38
C ALA A 180 -33.22 12.86 13.61
N LEU A 181 -33.63 11.63 13.32
CA LEU A 181 -35.01 11.20 13.52
C LEU A 181 -35.11 10.56 14.90
N THR A 182 -35.95 11.15 15.76
CA THR A 182 -35.99 10.81 17.18
C THR A 182 -37.39 10.37 17.59
N LEU A 183 -37.96 9.42 16.86
CA LEU A 183 -39.35 9.01 17.08
C LEU A 183 -39.44 8.20 18.38
N ILE A 184 -40.18 8.75 19.34
CA ILE A 184 -40.30 8.19 20.68
C ILE A 184 -41.78 7.93 20.95
N ASP A 185 -42.09 6.74 21.48
CA ASP A 185 -43.46 6.42 21.86
C ASP A 185 -43.90 7.29 23.03
N THR A 186 -45.18 7.69 23.01
CA THR A 186 -45.75 8.55 24.03
C THR A 186 -46.62 7.76 25.01
N ASN A 187 -47.46 6.86 24.50
CA ASN A 187 -48.34 6.08 25.37
C ASN A 187 -47.54 5.03 26.13
N ARG A 188 -47.70 5.02 27.46
CA ARG A 188 -46.99 4.11 28.33
C ARG A 188 -47.89 3.19 29.13
N SER A 189 -49.09 3.65 29.49
CA SER A 189 -50.13 2.89 30.22
C SER A 189 -49.64 2.39 31.59
N ARG A 190 -48.68 3.10 32.19
CA ARG A 190 -48.18 2.75 33.52
C ARG A 190 -47.53 3.97 34.13
N ALA A 191 -48.08 4.45 35.24
CA ALA A 191 -47.49 5.56 35.98
C ALA A 191 -46.47 5.01 36.97
N CYS A 192 -45.24 5.52 36.91
CA CYS A 192 -44.15 5.04 37.74
C CYS A 192 -43.47 6.21 38.44
N HIS A 193 -42.40 5.89 39.17
CA HIS A 193 -41.70 6.88 39.99
C HIS A 193 -40.89 7.83 39.11
N PRO A 194 -40.55 9.03 39.64
CA PRO A 194 -39.59 9.88 38.92
C PRO A 194 -38.14 9.43 39.10
N CYS A 195 -37.20 10.25 38.59
CA CYS A 195 -35.79 9.90 38.65
C CYS A 195 -35.24 10.02 40.08
N SER A 196 -34.00 9.58 40.26
CA SER A 196 -33.34 9.65 41.55
C SER A 196 -32.89 11.08 41.84
N PRO A 197 -33.13 11.58 43.06
CA PRO A 197 -32.80 12.98 43.38
C PRO A 197 -31.32 13.26 43.56
N MET A 198 -30.44 12.25 43.49
CA MET A 198 -29.02 12.50 43.73
C MET A 198 -28.35 13.20 42.55
N CYS A 199 -28.86 13.03 41.33
CA CYS A 199 -28.34 13.71 40.15
C CYS A 199 -29.40 14.63 39.58
N LYS A 200 -28.96 15.80 39.11
CA LYS A 200 -29.89 16.81 38.61
C LYS A 200 -30.04 16.68 37.09
N GLY A 201 -31.04 17.40 36.56
CA GLY A 201 -31.35 17.41 35.16
C GLY A 201 -32.52 16.53 34.75
N SER A 202 -32.93 15.60 35.63
CA SER A 202 -34.01 14.63 35.40
C SER A 202 -33.77 13.80 34.15
N ARG A 203 -32.52 13.41 33.94
CA ARG A 203 -32.10 12.62 32.78
C ARG A 203 -31.68 11.24 33.29
N CYS A 204 -32.64 10.34 33.43
CA CYS A 204 -32.39 9.00 33.93
C CYS A 204 -33.00 7.97 33.00
N TRP A 205 -32.36 6.79 32.94
CA TRP A 205 -32.89 5.68 32.15
C TRP A 205 -33.81 4.79 32.97
N GLY A 206 -33.57 4.65 34.27
CA GLY A 206 -34.39 3.80 35.11
C GLY A 206 -34.64 4.39 36.48
N GLU A 207 -34.69 3.53 37.50
CA GLU A 207 -35.00 3.97 38.86
C GLU A 207 -33.80 3.93 39.80
N SER A 208 -32.66 3.40 39.37
CA SER A 208 -31.51 3.31 40.25
C SER A 208 -30.79 4.65 40.33
N SER A 209 -30.01 4.82 41.40
CA SER A 209 -29.27 6.06 41.61
C SER A 209 -28.03 6.15 40.72
N GLU A 210 -27.37 5.03 40.46
CA GLU A 210 -26.20 4.98 39.59
C GLU A 210 -26.56 4.80 38.11
N ASP A 211 -27.83 5.05 37.76
CA ASP A 211 -28.34 4.74 36.43
C ASP A 211 -28.56 5.97 35.56
N CYS A 212 -28.62 7.16 36.15
CA CYS A 212 -28.98 8.35 35.39
C CYS A 212 -27.83 8.80 34.50
N GLN A 213 -28.20 9.43 33.38
CA GLN A 213 -27.26 9.73 32.31
C GLN A 213 -26.39 10.93 32.66
N SER A 214 -25.09 10.80 32.40
CA SER A 214 -24.15 11.90 32.52
C SER A 214 -23.98 12.57 31.16
N LEU A 215 -24.13 13.89 31.13
CA LEU A 215 -24.06 14.63 29.88
C LEU A 215 -22.62 14.74 29.40
N THR A 216 -22.41 14.47 28.10
CA THR A 216 -21.08 14.53 27.51
C THR A 216 -20.94 15.53 26.39
N ARG A 217 -22.03 16.13 25.91
CA ARG A 217 -21.98 17.10 24.83
C ARG A 217 -22.60 18.44 25.17
N THR A 218 -23.72 18.45 25.88
CA THR A 218 -24.41 19.68 26.24
C THR A 218 -23.87 20.32 27.52
N VAL A 219 -22.81 19.76 28.09
CA VAL A 219 -22.17 20.33 29.27
C VAL A 219 -20.81 20.93 28.95
N CYS A 220 -20.29 20.71 27.74
CA CYS A 220 -18.97 21.18 27.36
C CYS A 220 -18.97 22.70 27.18
N ALA A 221 -17.76 23.26 27.15
CA ALA A 221 -17.55 24.70 26.99
C ALA A 221 -16.68 24.95 25.77
N GLY A 222 -17.05 25.97 25.00
CA GLY A 222 -16.28 26.30 23.80
C GLY A 222 -16.64 25.39 22.65
N GLY A 223 -15.62 24.88 21.98
CA GLY A 223 -15.84 23.99 20.84
C GLY A 223 -15.49 22.55 21.14
N CYS A 224 -15.66 22.13 22.39
CA CYS A 224 -15.36 20.76 22.77
C CYS A 224 -16.45 19.83 22.28
N ALA A 225 -16.06 18.76 21.58
CA ALA A 225 -17.03 17.78 21.11
C ALA A 225 -17.51 16.90 22.25
N ARG A 226 -16.58 16.29 22.98
CA ARG A 226 -16.90 15.48 24.15
C ARG A 226 -16.06 15.94 25.33
N CYS A 227 -16.63 15.84 26.52
CA CYS A 227 -15.96 16.28 27.74
C CYS A 227 -16.54 15.53 28.93
N LYS A 228 -15.75 15.47 29.99
CA LYS A 228 -16.20 14.81 31.22
C LYS A 228 -17.04 15.76 32.07
N GLY A 229 -16.57 16.99 32.26
CA GLY A 229 -17.28 17.96 33.05
C GLY A 229 -17.41 19.29 32.33
N PRO A 230 -17.90 20.32 33.04
CA PRO A 230 -18.07 21.63 32.41
C PRO A 230 -16.77 22.41 32.23
N LEU A 231 -15.66 21.95 32.80
CA LEU A 231 -14.41 22.69 32.68
C LEU A 231 -13.80 22.47 31.30
N PRO A 232 -13.15 23.50 30.72
CA PRO A 232 -12.47 23.31 29.43
C PRO A 232 -11.24 22.42 29.52
N THR A 233 -10.65 22.26 30.70
CA THR A 233 -9.49 21.38 30.86
C THR A 233 -9.88 19.92 30.71
N ASP A 234 -11.09 19.55 31.15
CA ASP A 234 -11.55 18.17 31.12
C ASP A 234 -12.20 17.79 29.80
N CYS A 235 -11.93 18.53 28.72
CA CYS A 235 -12.41 18.12 27.41
C CYS A 235 -11.59 16.96 26.88
N CYS A 236 -12.18 16.22 25.94
CA CYS A 236 -11.58 15.00 25.42
C CYS A 236 -10.82 15.28 24.13
N HIS A 237 -10.09 14.25 23.69
CA HIS A 237 -9.37 14.32 22.43
C HIS A 237 -10.35 14.28 21.27
N GLU A 238 -9.93 14.84 20.12
CA GLU A 238 -10.84 14.94 18.97
C GLU A 238 -11.10 13.60 18.31
N GLN A 239 -10.28 12.59 18.59
CA GLN A 239 -10.51 11.24 18.11
C GLN A 239 -11.24 10.36 19.12
N CYS A 240 -11.48 10.86 20.33
CA CYS A 240 -12.42 10.20 21.23
C CYS A 240 -13.84 10.39 20.71
N ALA A 241 -14.67 9.37 20.92
CA ALA A 241 -16.04 9.39 20.42
C ALA A 241 -17.08 9.42 21.52
N ALA A 242 -17.04 8.48 22.46
CA ALA A 242 -18.02 8.41 23.54
C ALA A 242 -17.45 8.95 24.85
N GLY A 243 -16.63 9.98 24.78
CA GLY A 243 -16.00 10.53 25.97
C GLY A 243 -14.60 10.01 26.17
N CYS A 244 -14.08 10.28 27.37
CA CYS A 244 -12.71 9.92 27.71
C CYS A 244 -12.59 9.86 29.23
N THR A 245 -11.42 9.42 29.69
CA THR A 245 -11.06 9.49 31.10
C THR A 245 -9.99 10.53 31.39
N GLY A 246 -9.08 10.77 30.44
CA GLY A 246 -8.11 11.84 30.55
C GLY A 246 -8.03 12.62 29.26
N PRO A 247 -7.21 13.68 29.25
CA PRO A 247 -7.09 14.50 28.03
C PRO A 247 -6.30 13.86 26.90
N LYS A 248 -5.64 12.73 27.13
CA LYS A 248 -4.84 12.09 26.11
C LYS A 248 -5.73 11.36 25.10
N HIS A 249 -5.10 10.83 24.06
CA HIS A 249 -5.81 10.09 23.02
C HIS A 249 -5.76 8.58 23.23
N SER A 250 -4.91 8.10 24.13
CA SER A 250 -4.78 6.67 24.39
C SER A 250 -5.74 6.18 25.47
N ASP A 251 -6.61 7.05 25.99
CA ASP A 251 -7.54 6.66 27.05
C ASP A 251 -8.95 7.18 26.74
N CYS A 252 -9.40 7.03 25.50
CA CYS A 252 -10.77 7.35 25.16
C CYS A 252 -11.71 6.28 25.71
N LEU A 253 -12.97 6.66 25.92
CA LEU A 253 -13.98 5.67 26.27
C LEU A 253 -14.37 4.85 25.04
N ALA A 254 -14.61 5.51 23.92
CA ALA A 254 -14.69 4.88 22.62
C ALA A 254 -14.04 5.79 21.60
N CYS A 255 -13.51 5.20 20.54
CA CYS A 255 -12.70 5.92 19.58
C CYS A 255 -13.48 6.15 18.29
N LEU A 256 -13.06 7.17 17.54
CA LEU A 256 -13.88 7.66 16.44
C LEU A 256 -13.64 6.86 15.16
N HIS A 257 -12.39 6.72 14.74
CA HIS A 257 -12.15 6.06 13.46
C HIS A 257 -11.43 4.72 13.56
N PHE A 258 -10.20 4.68 14.08
CA PHE A 258 -9.42 3.43 14.04
C PHE A 258 -8.52 3.31 15.25
N ASN A 259 -8.56 2.13 15.87
CA ASN A 259 -7.85 1.79 17.10
C ASN A 259 -6.78 0.75 16.78
N HIS A 260 -5.59 0.91 17.38
CA HIS A 260 -4.57 -0.12 17.39
C HIS A 260 -3.69 0.07 18.63
N SER A 261 -3.55 -1.02 19.41
CA SER A 261 -2.66 -1.10 20.58
C SER A 261 -2.98 -0.04 21.63
N GLY A 262 -4.26 0.32 21.74
CA GLY A 262 -4.68 1.34 22.68
C GLY A 262 -4.61 2.76 22.16
N ILE A 263 -4.02 2.98 21.00
CA ILE A 263 -3.90 4.31 20.39
C ILE A 263 -4.85 4.37 19.20
N CYS A 264 -5.74 5.35 19.20
CA CYS A 264 -6.74 5.48 18.16
C CYS A 264 -6.71 6.86 17.53
N GLU A 265 -6.85 6.89 16.21
CA GLU A 265 -6.83 8.14 15.46
C GLU A 265 -7.62 7.97 14.17
N LEU A 266 -7.53 8.98 13.31
CA LEU A 266 -8.22 8.99 12.02
C LEU A 266 -7.62 7.98 11.05
N HIS A 267 -6.32 8.09 10.79
CA HIS A 267 -5.66 7.32 9.74
C HIS A 267 -4.98 6.10 10.36
N CYS A 268 -5.32 4.92 9.83
CA CYS A 268 -4.69 3.68 10.28
C CYS A 268 -3.31 3.55 9.63
N PRO A 269 -2.30 3.07 10.38
CA PRO A 269 -0.98 2.85 9.78
C PRO A 269 -0.98 1.75 8.74
N ALA A 270 -0.73 2.13 7.49
CA ALA A 270 -0.75 1.18 6.38
C ALA A 270 0.55 0.40 6.31
N LEU A 271 0.57 -0.59 5.42
CA LEU A 271 1.75 -1.42 5.23
C LEU A 271 2.77 -0.81 4.29
N VAL A 272 2.46 0.34 3.68
CA VAL A 272 3.34 0.99 2.71
C VAL A 272 3.74 2.34 3.26
N THR A 273 5.04 2.54 3.46
CA THR A 273 5.59 3.83 3.87
C THR A 273 6.24 4.48 2.65
N TYR A 274 5.76 5.68 2.30
CA TYR A 274 6.23 6.39 1.13
C TYR A 274 7.28 7.40 1.57
N ASN A 275 8.55 7.07 1.35
CA ASN A 275 9.65 7.96 1.71
C ASN A 275 9.78 9.04 0.63
N THR A 276 9.63 10.29 1.04
CA THR A 276 9.66 11.43 0.14
C THR A 276 11.05 12.04 -0.02
N ASP A 277 12.10 11.33 0.42
CA ASP A 277 13.46 11.80 0.25
C ASP A 277 14.05 11.34 -1.08
N THR A 278 14.11 10.03 -1.28
CA THR A 278 14.49 9.44 -2.56
C THR A 278 13.29 8.88 -3.31
N PHE A 279 12.07 9.21 -2.85
CA PHE A 279 10.80 8.89 -3.51
C PHE A 279 10.60 7.38 -3.66
N GLU A 280 10.68 6.67 -2.54
CA GLU A 280 10.63 5.21 -2.60
C GLU A 280 9.49 4.68 -1.74
N SER A 281 9.27 3.38 -1.84
CA SER A 281 8.24 2.68 -1.10
C SER A 281 8.88 1.60 -0.24
N MET A 282 8.46 1.52 1.02
CA MET A 282 9.03 0.55 1.96
C MET A 282 7.91 -0.23 2.64
N PRO A 283 8.12 -1.51 2.91
CA PRO A 283 7.19 -2.27 3.75
C PRO A 283 7.29 -1.79 5.19
N ASN A 284 6.15 -1.41 5.77
CA ASN A 284 6.12 -0.88 7.13
C ASN A 284 6.07 -2.02 8.13
N PRO A 285 7.02 -2.13 9.05
CA PRO A 285 6.92 -3.17 10.08
C PRO A 285 5.84 -2.89 11.11
N GLU A 286 5.52 -1.62 11.34
CA GLU A 286 4.52 -1.23 12.32
C GLU A 286 3.15 -1.02 11.71
N GLY A 287 2.96 -1.41 10.45
CA GLY A 287 1.65 -1.27 9.82
C GLY A 287 0.72 -2.38 10.23
N ARG A 288 -0.51 -2.00 10.59
CA ARG A 288 -1.53 -2.94 11.03
C ARG A 288 -2.60 -3.09 9.97
N TYR A 289 -3.30 -4.24 10.02
CA TYR A 289 -4.35 -4.53 9.06
C TYR A 289 -5.66 -3.95 9.52
N THR A 290 -6.34 -3.23 8.63
CA THR A 290 -7.61 -2.61 8.96
C THR A 290 -8.71 -3.66 9.03
N PHE A 291 -9.33 -3.79 10.20
CA PHE A 291 -10.38 -4.78 10.45
C PHE A 291 -11.57 -4.04 11.06
N GLY A 292 -12.62 -3.85 10.25
CA GLY A 292 -13.83 -3.18 10.71
C GLY A 292 -13.61 -1.72 11.05
N ALA A 293 -13.66 -1.41 12.35
CA ALA A 293 -13.37 -0.08 12.86
C ALA A 293 -12.14 -0.09 13.76
N SER A 294 -11.25 -1.06 13.57
CA SER A 294 -10.03 -1.16 14.34
C SER A 294 -8.89 -1.54 13.42
N CYS A 295 -7.68 -1.63 13.99
CA CYS A 295 -6.50 -2.04 13.25
C CYS A 295 -5.79 -3.10 14.08
N VAL A 296 -5.71 -4.32 13.54
CA VAL A 296 -5.24 -5.47 14.28
C VAL A 296 -3.91 -5.95 13.71
N THR A 297 -3.28 -6.87 14.44
CA THR A 297 -1.99 -7.42 14.02
C THR A 297 -2.15 -8.30 12.78
N ALA A 298 -3.12 -9.21 12.80
CA ALA A 298 -3.48 -10.03 11.65
C ALA A 298 -4.92 -10.44 11.81
N CYS A 299 -5.77 -10.00 10.89
CA CYS A 299 -7.21 -10.24 11.03
C CYS A 299 -7.53 -11.71 10.76
N PRO A 300 -8.52 -12.29 11.48
CA PRO A 300 -8.70 -13.75 11.47
C PRO A 300 -9.28 -14.32 10.18
N TYR A 301 -9.60 -15.61 10.26
CA TYR A 301 -10.08 -16.41 9.13
C TYR A 301 -11.39 -15.86 8.58
N ASN A 302 -11.62 -16.12 7.28
CA ASN A 302 -12.73 -15.58 6.48
C ASN A 302 -12.72 -14.05 6.45
N TYR A 303 -11.52 -13.47 6.32
CA TYR A 303 -11.36 -12.04 6.07
C TYR A 303 -10.21 -11.89 5.07
N LEU A 304 -10.55 -11.69 3.80
CA LEU A 304 -9.58 -11.66 2.72
C LEU A 304 -8.81 -10.35 2.72
N SER A 305 -7.49 -10.45 2.82
CA SER A 305 -6.64 -9.26 2.89
C SER A 305 -6.30 -8.76 1.49
N THR A 306 -6.18 -7.44 1.37
CA THR A 306 -5.86 -6.78 0.11
C THR A 306 -4.46 -6.16 0.19
N ASP A 307 -4.09 -5.44 -0.86
CA ASP A 307 -2.77 -4.82 -0.92
C ASP A 307 -2.67 -3.56 -0.08
N VAL A 308 -3.80 -2.90 0.22
CA VAL A 308 -3.77 -1.67 1.00
C VAL A 308 -3.84 -1.93 2.51
N GLY A 309 -3.93 -3.19 2.93
CA GLY A 309 -3.99 -3.50 4.34
C GLY A 309 -5.36 -3.35 4.96
N SER A 310 -6.43 -3.50 4.16
CA SER A 310 -7.80 -3.38 4.64
C SER A 310 -8.53 -4.67 4.28
N CYS A 311 -8.51 -5.63 5.21
CA CYS A 311 -9.13 -6.92 4.95
C CYS A 311 -10.63 -6.86 5.20
N THR A 312 -11.38 -7.55 4.34
CA THR A 312 -12.84 -7.57 4.42
C THR A 312 -13.31 -8.93 3.91
N LEU A 313 -14.62 -9.04 3.65
CA LEU A 313 -15.19 -10.32 3.26
C LEU A 313 -14.85 -10.67 1.82
N VAL A 314 -15.29 -9.86 0.87
CA VAL A 314 -15.11 -10.14 -0.55
C VAL A 314 -14.05 -9.21 -1.12
N CYS A 315 -13.39 -9.69 -2.20
CA CYS A 315 -12.40 -8.90 -2.89
C CYS A 315 -13.01 -8.23 -4.11
N PRO A 316 -12.53 -7.04 -4.51
CA PRO A 316 -13.07 -6.37 -5.70
C PRO A 316 -12.67 -7.02 -7.01
N LEU A 317 -13.01 -6.38 -8.13
CA LEU A 317 -12.74 -6.92 -9.45
C LEU A 317 -11.23 -6.90 -9.74
N HIS A 318 -10.86 -7.72 -10.73
CA HIS A 318 -9.47 -7.96 -11.15
C HIS A 318 -8.61 -8.48 -9.98
N ASN A 319 -9.22 -9.31 -9.14
CA ASN A 319 -8.55 -9.90 -7.98
C ASN A 319 -8.99 -11.34 -7.83
N GLN A 320 -8.04 -12.24 -7.57
CA GLN A 320 -8.31 -13.65 -7.38
C GLN A 320 -7.90 -14.06 -5.98
N GLU A 321 -8.77 -14.83 -5.31
CA GLU A 321 -8.51 -15.33 -3.97
C GLU A 321 -7.51 -16.47 -4.04
N VAL A 322 -6.28 -16.22 -3.60
CA VAL A 322 -5.23 -17.23 -3.59
C VAL A 322 -4.91 -17.58 -2.14
N THR A 323 -4.21 -18.71 -1.97
CA THR A 323 -3.87 -19.23 -0.66
C THR A 323 -2.41 -18.91 -0.35
N ALA A 324 -2.16 -18.36 0.83
CA ALA A 324 -0.82 -17.99 1.27
C ALA A 324 -0.14 -19.09 2.09
N GLU A 325 -0.52 -20.36 1.84
CA GLU A 325 0.01 -21.60 2.46
C GLU A 325 0.18 -21.53 3.98
N ASP A 326 -0.69 -20.76 4.66
CA ASP A 326 -0.60 -20.58 6.10
C ASP A 326 -1.94 -20.74 6.79
N GLY A 327 -2.95 -21.26 6.10
CA GLY A 327 -4.29 -21.33 6.63
C GLY A 327 -5.15 -20.11 6.35
N THR A 328 -4.54 -18.96 6.09
CA THR A 328 -5.26 -17.75 5.71
C THR A 328 -5.05 -17.47 4.22
N GLN A 329 -5.85 -16.53 3.71
CA GLN A 329 -5.81 -16.19 2.30
C GLN A 329 -5.67 -14.68 2.14
N ARG A 330 -5.10 -14.28 1.00
CA ARG A 330 -4.83 -12.87 0.73
C ARG A 330 -4.89 -12.65 -0.78
N CYS A 331 -5.97 -12.03 -1.25
CA CYS A 331 -6.15 -11.84 -2.69
C CYS A 331 -5.26 -10.71 -3.20
N GLU A 332 -4.68 -10.91 -4.38
CA GLU A 332 -3.82 -9.92 -5.01
C GLU A 332 -4.31 -9.65 -6.43
N LYS A 333 -3.52 -8.92 -7.21
CA LYS A 333 -3.92 -8.64 -8.59
C LYS A 333 -3.77 -9.88 -9.46
N CYS A 334 -4.69 -10.04 -10.40
CA CYS A 334 -4.71 -11.20 -11.27
C CYS A 334 -4.04 -10.85 -12.61
N SER A 335 -4.23 -11.71 -13.61
CA SER A 335 -3.62 -11.54 -14.92
C SER A 335 -4.38 -10.49 -15.73
N LYS A 336 -4.11 -10.42 -17.03
CA LYS A 336 -4.72 -9.37 -17.84
C LYS A 336 -6.19 -9.63 -18.20
N PRO A 337 -6.62 -10.81 -18.78
CA PRO A 337 -8.05 -10.95 -19.10
C PRO A 337 -8.96 -11.02 -17.88
N CYS A 338 -8.75 -12.07 -17.06
CA CYS A 338 -9.55 -12.39 -15.87
C CYS A 338 -11.05 -12.35 -16.16
N ALA A 339 -11.47 -13.17 -17.12
CA ALA A 339 -12.81 -13.04 -17.69
C ALA A 339 -13.87 -13.76 -16.85
N ARG A 340 -13.74 -15.07 -16.71
CA ARG A 340 -14.82 -15.90 -16.17
C ARG A 340 -14.42 -16.52 -14.85
N VAL A 341 -15.30 -16.41 -13.86
CA VAL A 341 -15.16 -17.12 -12.59
C VAL A 341 -16.58 -17.37 -12.07
N CYS A 342 -16.74 -18.45 -11.31
CA CYS A 342 -18.06 -18.88 -10.87
C CYS A 342 -18.60 -17.98 -9.77
N TYR A 343 -19.79 -17.42 -9.99
CA TYR A 343 -20.50 -16.63 -9.01
C TYR A 343 -21.75 -17.37 -8.54
N GLY A 344 -22.37 -16.85 -7.50
CA GLY A 344 -23.56 -17.46 -6.94
C GLY A 344 -24.58 -16.48 -6.41
N LEU A 345 -25.32 -16.88 -5.38
CA LEU A 345 -26.35 -16.03 -4.79
C LEU A 345 -25.72 -14.94 -3.93
N GLY A 346 -26.34 -13.76 -3.91
CA GLY A 346 -25.81 -12.65 -3.17
C GLY A 346 -24.60 -12.00 -3.81
N MET A 347 -24.55 -11.95 -5.14
CA MET A 347 -23.39 -11.42 -5.85
C MET A 347 -23.83 -10.48 -6.97
N GLU A 348 -22.92 -10.16 -7.89
CA GLU A 348 -23.21 -9.21 -8.96
C GLU A 348 -24.24 -9.75 -9.93
N HIS A 349 -24.12 -11.03 -10.31
CA HIS A 349 -25.04 -11.60 -11.30
C HIS A 349 -26.41 -11.92 -10.71
N LEU A 350 -26.48 -12.23 -9.42
CA LEU A 350 -27.73 -12.60 -8.77
C LEU A 350 -27.90 -11.75 -7.51
N ARG A 351 -28.86 -10.82 -7.55
CA ARG A 351 -29.12 -9.92 -6.43
C ARG A 351 -30.50 -10.15 -5.82
N GLU A 352 -31.55 -10.11 -6.63
CA GLU A 352 -32.91 -10.14 -6.09
C GLU A 352 -33.38 -11.56 -5.78
N VAL A 353 -32.93 -12.54 -6.57
CA VAL A 353 -33.41 -13.92 -6.40
C VAL A 353 -32.80 -14.52 -5.13
N ARG A 354 -33.60 -15.34 -4.44
CA ARG A 354 -33.16 -15.96 -3.19
C ARG A 354 -32.89 -17.45 -3.33
N ALA A 355 -33.52 -18.11 -4.29
CA ALA A 355 -33.39 -19.56 -4.46
C ALA A 355 -32.66 -19.88 -5.76
N VAL A 356 -32.29 -21.15 -5.89
CA VAL A 356 -31.68 -21.67 -7.10
C VAL A 356 -32.78 -22.36 -7.90
N THR A 357 -33.10 -21.80 -9.05
CA THR A 357 -34.15 -22.29 -9.93
C THR A 357 -33.47 -22.80 -11.21
N SER A 358 -34.28 -23.23 -12.19
CA SER A 358 -33.73 -23.66 -13.47
C SER A 358 -33.24 -22.49 -14.31
N ALA A 359 -33.63 -21.25 -13.96
CA ALA A 359 -33.15 -20.09 -14.69
C ALA A 359 -31.69 -19.78 -14.37
N ASN A 360 -31.24 -20.08 -13.15
CA ASN A 360 -29.87 -19.85 -12.75
C ASN A 360 -29.16 -21.15 -12.36
N ILE A 361 -29.39 -22.20 -13.15
CA ILE A 361 -28.67 -23.46 -12.96
C ILE A 361 -27.58 -23.65 -14.02
N GLN A 362 -27.67 -22.96 -15.16
CA GLN A 362 -26.60 -23.02 -16.16
C GLN A 362 -25.36 -22.26 -15.73
N GLU A 363 -25.51 -21.25 -14.87
CA GLU A 363 -24.39 -20.44 -14.41
C GLU A 363 -23.46 -21.18 -13.46
N PHE A 364 -23.88 -22.32 -12.91
CA PHE A 364 -23.05 -23.13 -12.04
C PHE A 364 -22.44 -24.31 -12.78
N ALA A 365 -22.11 -24.14 -14.05
CA ALA A 365 -21.67 -25.24 -14.90
C ALA A 365 -20.25 -25.68 -14.60
N GLY A 366 -20.11 -26.68 -13.73
CA GLY A 366 -18.82 -27.31 -13.50
C GLY A 366 -17.82 -26.50 -12.71
N CYS A 367 -18.24 -25.42 -12.06
CA CYS A 367 -17.31 -24.61 -11.29
C CYS A 367 -17.03 -25.25 -9.93
N LYS A 368 -15.78 -25.17 -9.50
CA LYS A 368 -15.34 -25.80 -8.25
C LYS A 368 -15.33 -24.84 -7.08
N LYS A 369 -15.61 -23.55 -7.30
CA LYS A 369 -15.57 -22.56 -6.22
C LYS A 369 -16.64 -21.52 -6.52
N ILE A 370 -17.76 -21.59 -5.81
CA ILE A 370 -18.86 -20.66 -5.99
C ILE A 370 -18.59 -19.41 -5.15
N PHE A 371 -18.40 -18.28 -5.80
CA PHE A 371 -18.42 -17.00 -5.12
C PHE A 371 -19.86 -16.68 -4.75
N GLY A 372 -20.16 -16.69 -3.45
CA GLY A 372 -21.52 -16.48 -3.00
C GLY A 372 -22.06 -17.66 -2.21
N SER A 373 -23.38 -17.82 -2.19
CA SER A 373 -24.04 -18.81 -1.36
C SER A 373 -24.96 -19.67 -2.21
N LEU A 374 -25.58 -20.66 -1.55
CA LEU A 374 -26.56 -21.54 -2.16
C LEU A 374 -27.75 -21.70 -1.22
N ALA A 375 -28.95 -21.51 -1.76
CA ALA A 375 -30.18 -21.61 -0.99
C ALA A 375 -31.25 -22.30 -1.82
N PHE A 376 -31.90 -23.29 -1.22
CA PHE A 376 -32.93 -24.10 -1.87
C PHE A 376 -34.24 -23.84 -1.14
N LEU A 377 -34.97 -22.82 -1.57
CA LEU A 377 -36.24 -22.48 -0.96
C LEU A 377 -37.31 -23.49 -1.35
N PRO A 378 -38.39 -23.60 -0.57
CA PRO A 378 -39.52 -24.44 -1.00
C PRO A 378 -40.24 -23.94 -2.25
N GLU A 379 -40.08 -22.67 -2.61
CA GLU A 379 -40.62 -22.15 -3.86
C GLU A 379 -39.78 -22.52 -5.07
N SER A 380 -38.57 -23.04 -4.86
CA SER A 380 -37.72 -23.44 -5.99
C SER A 380 -38.18 -24.74 -6.61
N PHE A 381 -38.81 -25.63 -5.83
CA PHE A 381 -39.33 -26.89 -6.32
C PHE A 381 -40.82 -26.81 -6.65
N ASP A 382 -41.37 -25.60 -6.76
CA ASP A 382 -42.77 -25.37 -7.05
C ASP A 382 -42.91 -24.68 -8.39
N GLY A 383 -43.92 -25.09 -9.16
CA GLY A 383 -44.18 -24.49 -10.45
C GLY A 383 -45.08 -23.27 -10.36
N ASP A 384 -44.56 -22.11 -10.76
CA ASP A 384 -45.32 -20.88 -10.73
C ASP A 384 -45.90 -20.62 -12.10
N PRO A 385 -47.23 -20.55 -12.24
CA PRO A 385 -47.83 -20.25 -13.56
C PRO A 385 -47.57 -18.81 -13.98
N ALA A 386 -47.64 -18.61 -15.30
CA ALA A 386 -47.42 -17.31 -15.97
C ALA A 386 -46.05 -16.71 -15.66
N SER A 387 -45.04 -17.56 -15.44
CA SER A 387 -43.69 -17.09 -15.17
C SER A 387 -42.61 -17.87 -15.91
N ASN A 388 -42.95 -19.02 -16.53
CA ASN A 388 -42.01 -19.90 -17.25
C ASN A 388 -40.87 -20.36 -16.34
N THR A 389 -41.19 -20.70 -15.10
CA THR A 389 -40.22 -21.19 -14.13
C THR A 389 -40.50 -22.67 -13.89
N ALA A 390 -39.71 -23.52 -14.52
CA ALA A 390 -39.86 -24.96 -14.36
C ALA A 390 -39.28 -25.42 -13.02
N PRO A 391 -39.91 -26.39 -12.36
CA PRO A 391 -39.34 -26.89 -11.10
C PRO A 391 -38.11 -27.75 -11.35
N LEU A 392 -37.31 -27.88 -10.30
CA LEU A 392 -36.06 -28.63 -10.40
C LEU A 392 -36.33 -30.14 -10.41
N GLN A 393 -35.32 -30.88 -10.84
CA GLN A 393 -35.34 -32.33 -10.90
C GLN A 393 -34.18 -32.89 -10.10
N PRO A 394 -34.31 -34.12 -9.58
CA PRO A 394 -33.17 -34.75 -8.88
C PRO A 394 -31.99 -35.08 -9.80
N GLU A 395 -32.22 -35.20 -11.10
CA GLU A 395 -31.13 -35.43 -12.05
C GLU A 395 -30.47 -34.13 -12.49
N GLN A 396 -30.94 -32.98 -12.04
CA GLN A 396 -30.35 -31.70 -12.40
C GLN A 396 -29.35 -31.20 -11.38
N LEU A 397 -29.29 -31.80 -10.20
CA LEU A 397 -28.35 -31.39 -9.15
C LEU A 397 -26.95 -31.95 -9.36
N GLN A 398 -26.76 -32.81 -10.37
CA GLN A 398 -25.45 -33.41 -10.65
C GLN A 398 -24.44 -32.42 -11.20
N VAL A 399 -24.86 -31.19 -11.53
CA VAL A 399 -23.93 -30.13 -11.87
C VAL A 399 -23.23 -29.61 -10.62
N PHE A 400 -23.77 -29.87 -9.43
CA PHE A 400 -23.13 -29.50 -8.17
C PHE A 400 -22.19 -30.58 -7.65
N GLU A 401 -21.82 -31.56 -8.49
CA GLU A 401 -21.00 -32.67 -8.02
C GLU A 401 -19.55 -32.26 -7.82
N THR A 402 -19.01 -31.42 -8.70
CA THR A 402 -17.62 -31.00 -8.63
C THR A 402 -17.41 -29.80 -7.71
N LEU A 403 -18.43 -29.40 -6.96
CA LEU A 403 -18.30 -28.28 -6.03
C LEU A 403 -17.45 -28.68 -4.83
N GLU A 404 -16.51 -27.81 -4.46
CA GLU A 404 -15.61 -28.09 -3.34
C GLU A 404 -15.63 -26.97 -2.31
N GLU A 405 -15.97 -25.74 -2.71
CA GLU A 405 -15.87 -24.59 -1.83
C GLU A 405 -17.05 -23.66 -2.04
N ILE A 406 -17.70 -23.29 -0.94
CA ILE A 406 -18.78 -22.29 -0.94
C ILE A 406 -18.33 -21.14 -0.07
N THR A 407 -18.31 -19.93 -0.64
CA THR A 407 -17.89 -18.75 0.11
C THR A 407 -18.97 -18.22 1.03
N GLY A 408 -20.22 -18.62 0.83
CA GLY A 408 -21.30 -18.15 1.68
C GLY A 408 -21.93 -19.24 2.53
N TYR A 409 -23.23 -19.18 2.71
CA TYR A 409 -23.97 -20.14 3.51
C TYR A 409 -24.58 -21.23 2.62
N LEU A 410 -25.03 -22.30 3.26
CA LEU A 410 -25.71 -23.40 2.59
C LEU A 410 -27.06 -23.61 3.26
N TYR A 411 -28.12 -23.19 2.57
CA TYR A 411 -29.47 -23.18 3.11
C TYR A 411 -30.31 -24.16 2.29
N ILE A 412 -30.88 -25.16 2.96
CA ILE A 412 -31.73 -26.15 2.30
C ILE A 412 -33.02 -26.27 3.09
N SER A 413 -34.16 -26.03 2.42
CA SER A 413 -35.46 -26.12 3.08
C SER A 413 -36.44 -27.02 2.35
N ALA A 414 -36.07 -27.59 1.21
CA ALA A 414 -36.95 -28.51 0.49
C ALA A 414 -36.09 -29.57 -0.19
N TRP A 415 -36.58 -30.82 -0.18
CA TRP A 415 -35.83 -31.91 -0.73
C TRP A 415 -36.78 -32.98 -1.23
N PRO A 416 -36.63 -33.45 -2.48
CA PRO A 416 -37.54 -34.46 -3.01
C PRO A 416 -37.33 -35.82 -2.37
N ASP A 417 -38.23 -36.75 -2.68
CA ASP A 417 -38.20 -38.09 -2.13
C ASP A 417 -37.45 -39.09 -3.01
N SER A 418 -36.48 -38.61 -3.80
CA SER A 418 -35.73 -39.49 -4.69
C SER A 418 -34.61 -40.20 -3.94
N LEU A 419 -33.65 -39.43 -3.42
CA LEU A 419 -32.54 -40.00 -2.68
C LEU A 419 -32.40 -39.31 -1.32
N PRO A 420 -32.21 -40.07 -0.25
CA PRO A 420 -32.38 -39.51 1.11
C PRO A 420 -31.15 -38.86 1.72
N ASP A 421 -30.13 -38.53 0.92
CA ASP A 421 -28.92 -37.94 1.47
C ASP A 421 -28.51 -36.76 0.61
N LEU A 422 -27.28 -36.27 0.85
CA LEU A 422 -26.75 -35.13 0.13
C LEU A 422 -25.57 -35.54 -0.73
N SER A 423 -25.72 -36.65 -1.46
CA SER A 423 -24.67 -37.16 -2.35
C SER A 423 -24.39 -36.25 -3.54
N VAL A 424 -25.26 -35.27 -3.82
CA VAL A 424 -24.96 -34.25 -4.82
C VAL A 424 -24.04 -33.17 -4.28
N PHE A 425 -23.75 -33.18 -2.97
CA PHE A 425 -22.77 -32.30 -2.37
C PHE A 425 -21.67 -33.09 -1.66
N GLN A 426 -21.36 -34.29 -2.16
CA GLN A 426 -20.45 -35.17 -1.45
C GLN A 426 -18.98 -34.76 -1.61
N ASN A 427 -18.66 -33.97 -2.63
CA ASN A 427 -17.30 -33.49 -2.83
C ASN A 427 -17.08 -32.10 -2.27
N LEU A 428 -18.05 -31.57 -1.53
CA LEU A 428 -17.91 -30.26 -0.90
C LEU A 428 -16.92 -30.36 0.26
N GLN A 429 -15.84 -29.57 0.18
CA GLN A 429 -14.75 -29.66 1.14
C GLN A 429 -14.87 -28.64 2.26
N VAL A 430 -14.97 -27.35 1.92
CA VAL A 430 -14.98 -26.28 2.90
C VAL A 430 -16.13 -25.33 2.60
N ILE A 431 -16.83 -24.90 3.65
CA ILE A 431 -17.82 -23.84 3.56
C ILE A 431 -17.27 -22.64 4.32
N ARG A 432 -17.00 -21.55 3.59
CA ARG A 432 -16.33 -20.40 4.20
C ARG A 432 -17.28 -19.63 5.12
N GLY A 433 -18.48 -19.35 4.63
CA GLY A 433 -19.47 -18.67 5.45
C GLY A 433 -19.24 -17.18 5.63
N ARG A 434 -18.77 -16.50 4.58
CA ARG A 434 -18.61 -15.05 4.68
C ARG A 434 -19.94 -14.33 4.55
N ILE A 435 -20.89 -14.92 3.83
CA ILE A 435 -22.27 -14.45 3.81
C ILE A 435 -23.10 -15.48 4.56
N LEU A 436 -23.89 -15.01 5.53
CA LEU A 436 -24.62 -15.89 6.43
C LEU A 436 -26.12 -15.69 6.26
N HIS A 437 -26.87 -16.78 6.36
CA HIS A 437 -28.33 -16.70 6.41
C HIS A 437 -28.74 -16.17 7.78
N ASN A 438 -29.48 -15.05 7.77
CA ASN A 438 -29.90 -14.28 8.96
C ASN A 438 -28.71 -13.81 9.80
N GLY A 439 -27.52 -13.70 9.20
CA GLY A 439 -26.33 -13.25 9.89
C GLY A 439 -25.76 -14.21 10.93
N ALA A 440 -26.31 -15.42 11.06
CA ALA A 440 -25.93 -16.27 12.18
C ALA A 440 -25.58 -17.68 11.74
N TYR A 441 -26.15 -18.14 10.63
CA TYR A 441 -26.07 -19.54 10.25
C TYR A 441 -25.37 -19.71 8.90
N SER A 442 -24.66 -20.83 8.76
CA SER A 442 -23.97 -21.17 7.52
C SER A 442 -24.31 -22.55 6.99
N LEU A 443 -25.01 -23.38 7.76
CA LEU A 443 -25.44 -24.72 7.32
C LEU A 443 -26.82 -24.95 7.93
N THR A 444 -27.86 -24.63 7.16
CA THR A 444 -29.22 -24.63 7.66
C THR A 444 -30.03 -25.68 6.91
N LEU A 445 -30.74 -26.54 7.67
CA LEU A 445 -31.59 -27.59 7.11
C LEU A 445 -32.96 -27.45 7.75
N GLN A 446 -33.98 -27.14 6.96
CA GLN A 446 -35.32 -26.80 7.46
C GLN A 446 -36.36 -27.74 6.88
N GLY A 447 -36.77 -28.73 7.67
CA GLY A 447 -37.90 -29.59 7.33
C GLY A 447 -37.70 -30.44 6.09
N LEU A 448 -36.80 -31.41 6.16
CA LEU A 448 -36.43 -32.21 5.02
C LEU A 448 -36.88 -33.65 5.20
N GLY A 449 -36.75 -34.42 4.12
CA GLY A 449 -36.97 -35.85 4.17
C GLY A 449 -35.64 -36.58 4.24
N ILE A 450 -34.60 -35.88 4.68
CA ILE A 450 -33.27 -36.46 4.78
C ILE A 450 -33.21 -37.42 5.96
N SER A 451 -32.48 -38.52 5.79
CA SER A 451 -32.32 -39.52 6.84
C SER A 451 -30.89 -39.63 7.33
N TRP A 452 -29.90 -39.62 6.43
CA TRP A 452 -28.50 -39.42 6.80
C TRP A 452 -27.92 -38.34 5.91
N LEU A 453 -26.92 -37.63 6.44
CA LEU A 453 -26.41 -36.44 5.76
C LEU A 453 -25.62 -36.81 4.51
N GLY A 454 -24.54 -37.58 4.67
CA GLY A 454 -23.76 -38.00 3.53
C GLY A 454 -22.75 -36.99 3.04
N LEU A 455 -22.54 -35.88 3.76
CA LEU A 455 -21.50 -34.92 3.40
C LEU A 455 -20.15 -35.50 3.77
N ARG A 456 -19.53 -36.23 2.85
CA ARG A 456 -18.34 -37.02 3.18
C ARG A 456 -17.11 -36.16 3.38
N SER A 457 -16.74 -35.39 2.35
CA SER A 457 -15.49 -34.65 2.36
C SER A 457 -15.60 -33.29 3.04
N LEU A 458 -16.69 -33.01 3.75
CA LEU A 458 -16.83 -31.76 4.49
C LEU A 458 -15.88 -31.78 5.67
N ARG A 459 -14.88 -30.89 5.64
CA ARG A 459 -13.81 -30.90 6.63
C ARG A 459 -13.64 -29.59 7.38
N GLU A 460 -14.30 -28.52 6.96
CA GLU A 460 -14.07 -27.21 7.58
C GLU A 460 -15.30 -26.32 7.36
N LEU A 461 -15.98 -25.97 8.44
CA LEU A 461 -17.01 -24.94 8.44
C LEU A 461 -16.38 -23.65 8.96
N GLY A 462 -16.30 -22.64 8.10
CA GLY A 462 -15.57 -21.43 8.43
C GLY A 462 -16.20 -20.54 9.49
N SER A 463 -17.33 -19.93 9.17
CA SER A 463 -18.02 -19.02 10.06
C SER A 463 -19.46 -19.46 10.26
N GLY A 464 -20.19 -18.71 11.08
CA GLY A 464 -21.60 -18.98 11.29
C GLY A 464 -21.83 -20.18 12.19
N LEU A 465 -23.05 -20.71 12.10
CA LEU A 465 -23.46 -21.85 12.91
C LEU A 465 -24.01 -22.96 12.04
N ALA A 466 -24.60 -23.98 12.66
CA ALA A 466 -25.20 -25.10 11.93
C ALA A 466 -26.53 -25.43 12.59
N LEU A 467 -27.62 -25.11 11.92
CA LEU A 467 -28.97 -25.25 12.46
C LEU A 467 -29.68 -26.43 11.80
N ILE A 468 -30.20 -27.33 12.62
CA ILE A 468 -30.98 -28.48 12.17
C ILE A 468 -32.24 -28.56 13.02
N HIS A 469 -33.39 -28.31 12.42
CA HIS A 469 -34.64 -28.34 13.16
C HIS A 469 -35.76 -28.87 12.27
N HIS A 470 -36.72 -29.55 12.93
CA HIS A 470 -37.95 -30.07 12.32
C HIS A 470 -37.68 -31.06 11.20
N ASN A 471 -36.60 -31.84 11.31
CA ASN A 471 -36.30 -32.93 10.39
C ASN A 471 -36.70 -34.23 11.08
N THR A 472 -37.89 -34.74 10.75
CA THR A 472 -38.45 -35.88 11.44
C THR A 472 -37.90 -37.22 10.96
N HIS A 473 -36.96 -37.22 10.00
CA HIS A 473 -36.35 -38.45 9.54
C HIS A 473 -34.84 -38.50 9.73
N LEU A 474 -34.20 -37.37 10.05
CA LEU A 474 -32.75 -37.32 10.19
C LEU A 474 -32.34 -37.88 11.54
N CYS A 475 -31.72 -39.05 11.54
CA CYS A 475 -31.21 -39.68 12.76
C CYS A 475 -29.77 -39.28 13.05
N PHE A 476 -28.90 -39.37 12.05
CA PHE A 476 -27.47 -39.13 12.23
C PHE A 476 -27.23 -37.63 12.33
N VAL A 477 -27.42 -37.10 13.53
CA VAL A 477 -27.22 -35.68 13.80
C VAL A 477 -26.13 -35.42 14.84
N HIS A 478 -25.86 -36.35 15.75
CA HIS A 478 -24.84 -36.17 16.77
C HIS A 478 -23.60 -37.02 16.51
N THR A 479 -23.59 -37.83 15.46
CA THR A 479 -22.44 -38.63 15.10
C THR A 479 -21.45 -37.87 14.21
N VAL A 480 -21.76 -36.64 13.84
CA VAL A 480 -20.87 -35.86 12.99
C VAL A 480 -19.84 -35.16 13.89
N PRO A 481 -18.55 -35.21 13.54
CA PRO A 481 -17.55 -34.46 14.32
C PRO A 481 -17.63 -32.96 14.06
N TRP A 482 -18.57 -32.29 14.73
CA TRP A 482 -18.74 -30.85 14.53
C TRP A 482 -17.60 -30.05 15.13
N ASP A 483 -16.92 -30.60 16.15
CA ASP A 483 -15.80 -29.89 16.75
C ASP A 483 -14.59 -29.85 15.81
N GLN A 484 -14.42 -30.87 14.98
CA GLN A 484 -13.37 -30.84 13.97
C GLN A 484 -13.72 -29.96 12.78
N LEU A 485 -14.99 -29.62 12.61
CA LEU A 485 -15.44 -28.75 11.54
C LEU A 485 -15.33 -27.27 11.89
N PHE A 486 -15.05 -26.95 13.15
CA PHE A 486 -15.10 -25.57 13.61
C PHE A 486 -13.73 -24.91 13.57
N ARG A 487 -13.73 -23.59 13.38
CA ARG A 487 -12.52 -22.79 13.40
C ARG A 487 -12.59 -21.61 14.36
N ASN A 488 -13.76 -21.24 14.86
CA ASN A 488 -13.93 -20.15 15.79
C ASN A 488 -14.59 -20.65 17.08
N PRO A 489 -14.31 -20.01 18.22
CA PRO A 489 -14.98 -20.43 19.47
C PRO A 489 -16.46 -20.10 19.54
N HIS A 490 -16.97 -19.26 18.64
CA HIS A 490 -18.38 -18.87 18.63
C HIS A 490 -19.23 -19.80 17.76
N GLN A 491 -18.80 -21.04 17.55
CA GLN A 491 -19.47 -21.96 16.64
C GLN A 491 -19.95 -23.19 17.39
N ALA A 492 -21.21 -23.56 17.18
CA ALA A 492 -21.82 -24.70 17.85
C ALA A 492 -23.00 -25.18 17.04
N LEU A 493 -23.29 -26.48 17.16
CA LEU A 493 -24.45 -27.08 16.51
C LEU A 493 -25.71 -26.71 17.28
N LEU A 494 -26.78 -26.41 16.56
CA LEU A 494 -28.09 -26.13 17.15
C LEU A 494 -29.09 -27.09 16.52
N HIS A 495 -29.35 -28.20 17.20
CA HIS A 495 -30.24 -29.24 16.70
C HIS A 495 -31.44 -29.39 17.63
N THR A 496 -32.62 -29.51 17.05
CA THR A 496 -33.84 -29.78 17.81
C THR A 496 -34.86 -30.46 16.91
N ALA A 497 -35.83 -31.10 17.56
CA ALA A 497 -37.01 -31.72 16.91
C ALA A 497 -36.63 -32.77 15.86
N ASN A 498 -35.51 -33.45 16.06
CA ASN A 498 -35.04 -34.45 15.11
C ASN A 498 -35.56 -35.83 15.51
N ARG A 499 -35.05 -36.87 14.87
CA ARG A 499 -35.42 -38.23 15.23
C ARG A 499 -34.75 -38.60 16.55
N PRO A 500 -35.51 -39.06 17.56
CA PRO A 500 -34.92 -39.34 18.87
C PRO A 500 -34.07 -40.60 18.91
N GLU A 501 -33.59 -40.94 20.12
CA GLU A 501 -32.69 -42.08 20.27
C GLU A 501 -33.43 -43.41 20.17
N ASP A 502 -34.69 -43.45 20.61
CA ASP A 502 -35.45 -44.69 20.64
C ASP A 502 -35.80 -45.20 19.24
N GLU A 503 -35.88 -44.31 18.24
CA GLU A 503 -36.13 -44.71 16.86
C GLU A 503 -34.84 -44.98 16.10
N CYS A 504 -33.69 -44.97 16.78
CA CYS A 504 -32.41 -45.23 16.13
C CYS A 504 -31.67 -46.42 16.72
N VAL A 505 -32.16 -47.01 17.81
CA VAL A 505 -31.54 -48.18 18.41
C VAL A 505 -32.24 -49.47 17.99
N GLY A 506 -33.56 -49.51 18.15
CA GLY A 506 -34.31 -50.69 17.75
C GLY A 506 -34.44 -50.82 16.24
N GLU A 507 -34.35 -49.71 15.52
CA GLU A 507 -34.42 -49.72 14.06
C GLU A 507 -33.08 -50.01 13.41
N GLY A 508 -32.00 -50.14 14.18
CA GLY A 508 -30.70 -50.44 13.63
C GLY A 508 -30.02 -49.28 12.95
N LEU A 509 -30.36 -48.04 13.29
CA LEU A 509 -29.76 -46.86 12.68
C LEU A 509 -28.43 -46.58 13.37
N ALA A 510 -27.43 -47.38 12.99
CA ALA A 510 -26.08 -47.23 13.52
C ALA A 510 -25.11 -47.82 12.50
N CYS A 511 -24.06 -47.07 12.18
CA CYS A 511 -23.13 -47.46 11.14
C CYS A 511 -22.10 -48.45 11.69
N HIS A 512 -21.12 -48.80 10.86
CA HIS A 512 -20.13 -49.81 11.21
C HIS A 512 -19.11 -49.26 12.21
N GLN A 513 -18.25 -50.15 12.69
CA GLN A 513 -17.21 -49.82 13.64
C GLN A 513 -15.96 -49.22 12.99
N LEU A 514 -15.98 -49.02 11.66
CA LEU A 514 -14.80 -48.49 10.99
C LEU A 514 -14.63 -47.00 11.24
N CYS A 515 -15.75 -46.27 11.41
CA CYS A 515 -15.67 -44.85 11.77
C CYS A 515 -15.12 -44.69 13.17
N ALA A 516 -13.95 -44.05 13.28
CA ALA A 516 -13.26 -43.95 14.55
C ALA A 516 -13.90 -42.89 15.44
N ARG A 517 -14.02 -43.23 16.74
CA ARG A 517 -14.53 -42.36 17.80
C ARG A 517 -15.96 -41.87 17.53
N GLY A 518 -16.75 -42.68 16.83
CA GLY A 518 -18.13 -42.31 16.54
C GLY A 518 -18.32 -41.26 15.48
N HIS A 519 -17.25 -40.82 14.82
CA HIS A 519 -17.32 -39.78 13.79
C HIS A 519 -17.87 -40.41 12.53
N CYS A 520 -19.19 -40.40 12.39
CA CYS A 520 -19.87 -41.12 11.34
C CYS A 520 -20.85 -40.20 10.63
N TRP A 521 -21.08 -40.48 9.34
CA TRP A 521 -21.98 -39.68 8.51
C TRP A 521 -23.23 -40.46 8.13
N GLY A 522 -23.07 -41.63 7.50
CA GLY A 522 -24.18 -42.44 7.10
C GLY A 522 -23.96 -43.90 7.45
N PRO A 523 -24.97 -44.75 7.21
CA PRO A 523 -24.88 -46.15 7.63
C PRO A 523 -23.91 -46.98 6.79
N GLY A 524 -23.58 -46.54 5.58
CA GLY A 524 -22.62 -47.23 4.76
C GLY A 524 -21.21 -47.04 5.26
N PRO A 525 -20.32 -47.99 4.96
CA PRO A 525 -18.93 -47.86 5.40
C PRO A 525 -18.09 -46.90 4.57
N THR A 526 -18.65 -46.30 3.53
CA THR A 526 -17.93 -45.38 2.65
C THR A 526 -17.94 -43.94 3.16
N GLN A 527 -18.60 -43.66 4.28
CA GLN A 527 -18.76 -42.30 4.77
C GLN A 527 -18.19 -42.12 6.17
N CYS A 528 -16.98 -42.64 6.40
CA CYS A 528 -16.22 -42.32 7.60
C CYS A 528 -15.27 -41.18 7.27
N VAL A 529 -15.24 -40.16 8.13
CA VAL A 529 -14.36 -39.02 7.87
C VAL A 529 -12.91 -39.36 8.20
N ASN A 530 -12.67 -40.27 9.14
CA ASN A 530 -11.31 -40.65 9.51
C ASN A 530 -11.39 -42.06 10.08
N CYS A 531 -11.03 -43.04 9.27
CA CYS A 531 -11.00 -44.44 9.69
C CYS A 531 -9.56 -44.92 9.80
N SER A 532 -9.32 -45.83 10.74
CA SER A 532 -7.97 -46.30 11.06
C SER A 532 -7.45 -47.34 10.09
N GLN A 533 -8.19 -47.67 9.03
CA GLN A 533 -7.77 -48.63 8.03
C GLN A 533 -7.64 -47.92 6.67
N PHE A 534 -7.42 -48.71 5.64
CA PHE A 534 -7.10 -48.16 4.32
C PHE A 534 -8.38 -47.79 3.57
N LEU A 535 -8.21 -47.24 2.37
CA LEU A 535 -9.30 -46.72 1.56
C LEU A 535 -9.27 -47.36 0.18
N ARG A 536 -10.37 -48.00 -0.19
CA ARG A 536 -10.53 -48.58 -1.53
C ARG A 536 -11.65 -47.81 -2.23
N GLY A 537 -11.26 -46.79 -2.98
CA GLY A 537 -12.20 -46.00 -3.77
C GLY A 537 -13.16 -45.17 -2.93
N GLN A 538 -12.61 -44.32 -2.06
CA GLN A 538 -13.36 -43.46 -1.13
C GLN A 538 -14.29 -44.28 -0.22
N GLU A 539 -13.79 -45.43 0.23
CA GLU A 539 -14.56 -46.32 1.08
C GLU A 539 -13.60 -47.01 2.04
N CYS A 540 -13.92 -46.95 3.33
CA CYS A 540 -13.09 -47.60 4.34
C CYS A 540 -13.31 -49.11 4.30
N VAL A 541 -12.24 -49.86 4.04
CA VAL A 541 -12.30 -51.31 4.03
C VAL A 541 -11.33 -51.83 5.08
N GLU A 542 -11.55 -53.08 5.50
CA GLU A 542 -10.80 -53.63 6.62
C GLU A 542 -9.37 -53.99 6.23
N GLU A 543 -9.21 -54.90 5.28
CA GLU A 543 -7.89 -55.37 4.86
C GLU A 543 -7.78 -55.31 3.35
N CYS A 544 -6.65 -54.80 2.86
CA CYS A 544 -6.40 -54.78 1.43
C CYS A 544 -6.16 -56.20 0.91
N ARG A 545 -6.51 -56.41 -0.35
CA ARG A 545 -6.33 -57.72 -1.00
C ARG A 545 -4.93 -57.77 -1.63
N VAL A 546 -3.93 -57.84 -0.76
CA VAL A 546 -2.54 -57.91 -1.18
C VAL A 546 -2.09 -59.37 -1.16
N LEU A 547 -2.28 -60.04 -0.02
CA LEU A 547 -1.93 -61.44 0.08
C LEU A 547 -3.04 -62.34 -0.48
N GLN A 548 -4.27 -61.87 -0.46
CA GLN A 548 -5.41 -62.64 -0.97
C GLN A 548 -6.17 -61.85 -2.02
N GLY A 549 -7.32 -62.35 -2.45
CA GLY A 549 -8.13 -61.64 -3.41
C GLY A 549 -7.73 -61.94 -4.84
N LEU A 550 -8.70 -61.85 -5.74
CA LEU A 550 -8.46 -62.12 -7.16
C LEU A 550 -7.76 -60.94 -7.86
N PRO A 551 -8.13 -59.63 -7.62
CA PRO A 551 -7.23 -58.58 -8.10
C PRO A 551 -6.12 -58.29 -7.12
N ARG A 552 -5.18 -57.42 -7.49
CA ARG A 552 -4.06 -57.05 -6.63
C ARG A 552 -4.00 -55.53 -6.52
N GLU A 553 -3.83 -55.04 -5.29
CA GLU A 553 -3.77 -53.61 -5.01
C GLU A 553 -2.52 -53.30 -4.20
N TYR A 554 -1.97 -52.12 -4.43
CA TYR A 554 -0.80 -51.67 -3.68
C TYR A 554 -1.21 -50.75 -2.55
N VAL A 555 -0.34 -50.68 -1.55
CA VAL A 555 -0.64 -50.06 -0.26
C VAL A 555 -0.09 -48.64 -0.26
N ASN A 556 -0.96 -47.67 0.02
CA ASN A 556 -0.58 -46.29 0.22
C ASN A 556 -0.50 -46.03 1.73
N ALA A 557 -0.04 -44.82 2.11
CA ALA A 557 0.02 -44.46 3.51
C ALA A 557 -1.37 -44.33 4.13
N ARG A 558 -2.34 -43.87 3.35
CA ARG A 558 -3.73 -43.80 3.78
C ARG A 558 -4.71 -44.44 2.82
N HIS A 559 -4.36 -44.63 1.55
CA HIS A 559 -5.25 -45.20 0.55
C HIS A 559 -4.85 -46.65 0.28
N CYS A 560 -5.51 -47.26 -0.70
CA CYS A 560 -5.21 -48.63 -1.13
C CYS A 560 -5.65 -48.73 -2.59
N LEU A 561 -4.68 -48.69 -3.51
CA LEU A 561 -5.08 -48.41 -4.89
C LEU A 561 -4.84 -49.59 -5.81
N PRO A 562 -5.72 -49.83 -6.78
CA PRO A 562 -5.51 -50.93 -7.73
C PRO A 562 -4.53 -50.55 -8.83
N CYS A 563 -3.52 -51.39 -9.02
CA CYS A 563 -2.54 -51.22 -10.08
C CYS A 563 -2.97 -52.03 -11.31
N HIS A 564 -2.05 -52.23 -12.25
CA HIS A 564 -2.35 -52.88 -13.52
C HIS A 564 -2.73 -54.35 -13.31
N PRO A 565 -3.81 -54.82 -13.94
CA PRO A 565 -4.35 -56.15 -13.58
C PRO A 565 -3.53 -57.33 -14.08
N GLU A 566 -2.63 -57.14 -15.04
CA GLU A 566 -1.88 -58.24 -15.64
C GLU A 566 -0.61 -58.59 -14.87
N CYS A 567 -0.49 -58.15 -13.62
CA CYS A 567 0.61 -58.57 -12.76
C CYS A 567 0.29 -59.95 -12.19
N GLN A 568 1.32 -60.78 -12.06
CA GLN A 568 1.11 -62.17 -11.63
C GLN A 568 0.80 -62.22 -10.15
N PRO A 569 -0.31 -62.85 -9.75
CA PRO A 569 -0.68 -62.92 -8.32
C PRO A 569 0.28 -63.82 -7.56
N GLN A 570 0.90 -63.26 -6.52
CA GLN A 570 1.84 -64.00 -5.68
C GLN A 570 1.07 -64.65 -4.55
N ASN A 571 1.09 -65.99 -4.51
CA ASN A 571 0.38 -66.76 -3.49
C ASN A 571 1.17 -66.69 -2.18
N GLY A 572 0.92 -65.65 -1.40
CA GLY A 572 1.55 -65.48 -0.11
C GLY A 572 2.72 -64.53 -0.08
N SER A 573 2.69 -63.45 -0.87
CA SER A 573 3.77 -62.47 -0.90
C SER A 573 3.21 -61.13 -1.32
N VAL A 574 4.04 -60.09 -1.17
CA VAL A 574 3.65 -58.75 -1.60
C VAL A 574 3.73 -58.71 -3.13
N THR A 575 2.58 -58.53 -3.78
CA THR A 575 2.53 -58.64 -5.24
C THR A 575 2.88 -57.33 -5.93
N CYS A 576 2.11 -56.29 -5.65
CA CYS A 576 2.20 -55.04 -6.38
C CYS A 576 2.78 -53.93 -5.51
N PHE A 577 3.54 -53.04 -6.15
CA PHE A 577 4.18 -51.92 -5.46
C PHE A 577 3.78 -50.56 -6.01
N GLY A 578 3.66 -50.43 -7.33
CA GLY A 578 3.30 -49.16 -7.94
C GLY A 578 2.30 -49.34 -9.06
N PRO A 579 1.81 -48.22 -9.61
CA PRO A 579 0.79 -48.31 -10.67
C PRO A 579 1.34 -48.83 -11.99
N GLU A 580 2.61 -48.59 -12.30
CA GLU A 580 3.20 -49.13 -13.51
C GLU A 580 3.59 -50.59 -13.28
N ALA A 581 3.37 -51.41 -14.30
CA ALA A 581 3.56 -52.86 -14.19
C ALA A 581 5.01 -53.30 -14.17
N ASP A 582 5.97 -52.39 -14.29
CA ASP A 582 7.38 -52.78 -14.26
C ASP A 582 7.88 -53.13 -12.86
N GLN A 583 7.16 -52.72 -11.81
CA GLN A 583 7.59 -52.94 -10.44
C GLN A 583 7.04 -54.22 -9.83
N CYS A 584 6.64 -55.19 -10.66
CA CYS A 584 6.25 -56.50 -10.20
C CYS A 584 7.46 -57.44 -10.23
N VAL A 585 7.48 -58.38 -9.27
CA VAL A 585 8.51 -59.41 -9.29
C VAL A 585 8.23 -60.46 -10.36
N ALA A 586 6.98 -60.57 -10.81
CA ALA A 586 6.59 -61.48 -11.88
C ALA A 586 5.28 -60.98 -12.49
N CYS A 587 5.14 -61.18 -13.79
CA CYS A 587 3.94 -60.80 -14.52
C CYS A 587 3.38 -62.02 -15.26
N ALA A 588 2.29 -61.81 -15.99
CA ALA A 588 1.45 -62.92 -16.42
C ALA A 588 1.99 -63.61 -17.66
N HIS A 589 2.06 -62.91 -18.80
CA HIS A 589 2.33 -63.56 -20.07
C HIS A 589 3.66 -63.15 -20.69
N TYR A 590 3.86 -61.85 -20.93
CA TYR A 590 5.01 -61.37 -21.70
C TYR A 590 5.89 -60.51 -20.83
N LYS A 591 7.20 -60.62 -21.04
CA LYS A 591 8.21 -59.87 -20.29
C LYS A 591 8.97 -58.98 -21.26
N ASP A 592 8.58 -57.71 -21.34
CA ASP A 592 9.25 -56.70 -22.13
C ASP A 592 10.02 -55.74 -21.21
N PRO A 593 11.09 -55.11 -21.71
CA PRO A 593 11.89 -54.20 -20.86
C PRO A 593 11.15 -52.98 -20.33
N PRO A 594 10.20 -52.30 -21.10
CA PRO A 594 9.44 -51.23 -20.43
C PRO A 594 8.48 -51.71 -19.35
N PHE A 595 7.59 -52.65 -19.67
CA PHE A 595 6.62 -53.20 -18.73
C PHE A 595 6.15 -54.54 -19.26
N CYS A 596 5.12 -55.10 -18.65
CA CYS A 596 4.54 -56.36 -19.08
C CYS A 596 3.20 -56.08 -19.75
N VAL A 597 3.11 -56.36 -21.05
CA VAL A 597 1.91 -56.15 -21.84
C VAL A 597 1.31 -57.51 -22.17
N ALA A 598 -0.01 -57.54 -22.33
CA ALA A 598 -0.68 -58.79 -22.68
C ALA A 598 -0.40 -59.22 -24.11
N ARG A 599 -0.20 -58.25 -25.00
CA ARG A 599 0.09 -58.55 -26.39
C ARG A 599 1.41 -57.94 -26.83
N GLU B 27 3.69 30.76 -5.40
CA GLU B 27 3.25 29.41 -5.73
C GLU B 27 4.23 28.36 -5.20
N LYS B 28 5.03 28.76 -4.21
CA LYS B 28 6.06 27.95 -3.56
C LYS B 28 7.08 27.44 -4.59
N LYS B 29 7.82 28.41 -5.13
CA LYS B 29 8.81 28.13 -6.17
C LYS B 29 9.93 27.25 -5.62
N VAL B 30 10.38 26.30 -6.46
CA VAL B 30 11.33 25.29 -6.03
C VAL B 30 12.73 25.90 -5.94
N CYS B 31 13.34 25.77 -4.77
CA CYS B 31 14.73 26.18 -4.54
C CYS B 31 15.56 24.92 -4.36
N GLN B 32 16.66 24.82 -5.09
CA GLN B 32 17.35 23.53 -5.20
C GLN B 32 18.22 23.23 -3.99
N GLY B 33 19.02 24.20 -3.56
CA GLY B 33 19.87 24.02 -2.39
C GLY B 33 21.30 23.67 -2.77
N THR B 34 22.16 23.68 -1.75
CA THR B 34 23.59 23.45 -1.92
C THR B 34 24.02 22.27 -1.06
N SER B 35 24.91 21.45 -1.62
CA SER B 35 25.48 20.31 -0.89
C SER B 35 27.00 20.43 -0.85
N ASN B 36 27.49 21.63 -0.54
CA ASN B 36 28.91 21.94 -0.58
C ASN B 36 29.43 22.39 0.79
N LYS B 37 29.15 21.58 1.82
CA LYS B 37 29.36 21.95 3.22
C LYS B 37 30.82 22.33 3.52
N LEU B 38 30.97 23.48 4.18
CA LEU B 38 32.25 24.05 4.63
C LEU B 38 33.25 24.27 3.49
N THR B 39 32.79 24.39 2.25
CA THR B 39 33.67 24.50 1.09
C THR B 39 33.57 25.91 0.52
N GLN B 40 34.67 26.65 0.58
CA GLN B 40 34.73 27.99 0.01
C GLN B 40 34.91 27.88 -1.50
N LEU B 41 33.99 28.49 -2.25
CA LEU B 41 34.02 28.44 -3.72
C LEU B 41 34.79 29.64 -4.22
N GLY B 42 36.08 29.44 -4.46
CA GLY B 42 36.94 30.54 -4.91
C GLY B 42 37.27 31.48 -3.78
N THR B 43 37.18 32.78 -4.05
CA THR B 43 37.39 33.78 -3.02
C THR B 43 36.14 33.96 -2.18
N PHE B 44 36.18 34.92 -1.26
CA PHE B 44 34.99 35.22 -0.45
C PHE B 44 33.93 35.92 -1.29
N GLU B 45 34.36 36.81 -2.20
CA GLU B 45 33.44 37.51 -3.07
C GLU B 45 32.78 36.56 -4.06
N ASP B 46 33.54 35.60 -4.58
CA ASP B 46 32.99 34.65 -5.54
C ASP B 46 32.00 33.70 -4.86
N HIS B 47 32.30 33.28 -3.63
CA HIS B 47 31.36 32.43 -2.91
C HIS B 47 30.11 33.21 -2.49
N PHE B 48 30.26 34.49 -2.16
CA PHE B 48 29.08 35.29 -1.83
C PHE B 48 28.20 35.54 -3.05
N LEU B 49 28.82 35.79 -4.21
CA LEU B 49 28.04 35.93 -5.44
C LEU B 49 27.38 34.62 -5.85
N SER B 50 28.04 33.49 -5.60
CA SER B 50 27.41 32.20 -5.88
C SER B 50 26.25 31.93 -4.93
N LEU B 51 26.38 32.35 -3.67
CA LEU B 51 25.29 32.19 -2.70
C LEU B 51 24.12 33.10 -3.02
N GLN B 52 24.39 34.32 -3.48
CA GLN B 52 23.33 35.23 -3.89
C GLN B 52 22.66 34.77 -5.18
N ARG B 53 23.44 34.19 -6.10
CA ARG B 53 22.92 33.70 -7.37
C ARG B 53 22.16 32.39 -7.22
N MET B 54 22.48 31.60 -6.20
CA MET B 54 21.84 30.31 -5.98
C MET B 54 20.50 30.43 -5.27
N PHE B 55 20.40 31.31 -4.27
CA PHE B 55 19.23 31.41 -3.41
C PHE B 55 18.44 32.69 -3.65
N ASN B 56 18.34 33.12 -4.91
CA ASN B 56 17.65 34.35 -5.26
C ASN B 56 16.19 34.05 -5.55
N ASN B 57 15.30 34.55 -4.68
CA ASN B 57 13.85 34.48 -4.82
C ASN B 57 13.35 33.03 -4.90
N CYS B 58 13.64 32.28 -3.84
CA CYS B 58 13.19 30.90 -3.73
C CYS B 58 12.67 30.68 -2.31
N GLU B 59 11.55 29.95 -2.19
CA GLU B 59 10.84 29.82 -0.93
C GLU B 59 11.07 28.47 -0.27
N VAL B 60 10.74 27.38 -0.97
CA VAL B 60 10.90 26.03 -0.43
C VAL B 60 12.20 25.43 -0.93
N VAL B 61 13.11 25.13 0.00
CA VAL B 61 14.43 24.62 -0.33
C VAL B 61 14.39 23.11 -0.15
N LEU B 62 14.42 22.38 -1.27
CA LEU B 62 14.41 20.92 -1.20
C LEU B 62 15.76 20.36 -0.75
N GLY B 63 16.85 21.10 -0.94
CA GLY B 63 18.15 20.66 -0.53
C GLY B 63 18.54 21.11 0.86
N ASN B 64 19.61 21.89 0.95
CA ASN B 64 20.17 22.28 2.24
C ASN B 64 20.49 23.76 2.23
N LEU B 65 20.13 24.46 3.31
CA LEU B 65 20.45 25.87 3.48
C LEU B 65 21.81 25.98 4.17
N GLU B 66 22.85 26.20 3.38
CA GLU B 66 24.22 26.30 3.89
C GLU B 66 24.70 27.74 3.71
N ILE B 67 24.84 28.45 4.82
CA ILE B 67 25.29 29.84 4.83
C ILE B 67 26.70 29.82 5.39
N THR B 68 27.69 29.92 4.50
CA THR B 68 29.11 29.92 4.86
C THR B 68 29.81 31.09 4.18
N TYR B 69 30.76 31.69 4.92
CA TYR B 69 31.72 32.67 4.42
C TYR B 69 31.05 33.90 3.84
N VAL B 70 30.32 34.62 4.69
CA VAL B 70 29.68 35.88 4.34
C VAL B 70 30.35 36.98 5.15
N GLN B 71 30.93 37.96 4.46
CA GLN B 71 31.75 38.98 5.12
C GLN B 71 30.87 40.08 5.71
N ARG B 72 31.52 41.13 6.23
CA ARG B 72 30.84 42.11 7.07
C ARG B 72 30.01 43.11 6.26
N ASN B 73 30.56 43.62 5.16
CA ASN B 73 29.97 44.73 4.43
C ASN B 73 28.97 44.28 3.36
N TYR B 74 28.36 43.11 3.52
CA TYR B 74 27.45 42.57 2.52
C TYR B 74 26.05 42.42 3.10
N ASP B 75 25.07 42.31 2.19
CA ASP B 75 23.66 42.22 2.55
C ASP B 75 23.12 40.86 2.16
N LEU B 76 22.15 40.38 2.94
CA LEU B 76 21.54 39.06 2.77
C LEU B 76 20.02 39.18 2.68
N SER B 77 19.56 40.11 1.83
CA SER B 77 18.11 40.29 1.67
C SER B 77 17.47 39.13 0.92
N PHE B 78 18.23 38.43 0.07
CA PHE B 78 17.70 37.31 -0.70
C PHE B 78 17.35 36.12 0.18
N LEU B 79 17.88 36.06 1.40
CA LEU B 79 17.49 35.05 2.37
C LEU B 79 16.17 35.36 3.07
N LYS B 80 15.56 36.52 2.78
CA LYS B 80 14.27 36.86 3.39
C LYS B 80 13.13 36.07 2.78
N THR B 81 13.28 35.59 1.55
CA THR B 81 12.18 34.95 0.84
C THR B 81 12.09 33.45 1.09
N ILE B 82 13.06 32.86 1.78
CA ILE B 82 13.06 31.42 2.04
C ILE B 82 12.04 31.12 3.14
N GLN B 83 11.06 30.28 2.82
CA GLN B 83 9.98 29.93 3.74
C GLN B 83 10.24 28.63 4.49
N GLU B 84 10.77 27.60 3.82
CA GLU B 84 11.01 26.32 4.47
C GLU B 84 12.18 25.63 3.79
N VAL B 85 12.89 24.81 4.57
CA VAL B 85 14.06 24.07 4.12
C VAL B 85 13.80 22.58 4.38
N ALA B 86 13.99 21.75 3.36
CA ALA B 86 13.80 20.32 3.47
C ALA B 86 15.10 19.58 3.76
N GLY B 87 15.98 20.19 4.51
CA GLY B 87 17.23 19.55 4.92
C GLY B 87 17.75 20.22 6.16
N TYR B 88 19.06 20.10 6.38
CA TYR B 88 19.70 20.76 7.51
C TYR B 88 20.03 22.20 7.16
N VAL B 89 20.09 23.05 8.20
CA VAL B 89 20.46 24.45 8.05
C VAL B 89 21.81 24.63 8.73
N LEU B 90 22.85 24.83 7.93
CA LEU B 90 24.23 24.91 8.39
C LEU B 90 24.73 26.34 8.22
N ILE B 91 24.72 27.10 9.31
CA ILE B 91 25.26 28.45 9.33
C ILE B 91 26.64 28.36 10.00
N ALA B 92 27.70 28.55 9.22
CA ALA B 92 29.03 28.27 9.74
C ALA B 92 30.08 29.20 9.13
N LEU B 93 30.95 29.73 9.99
CA LEU B 93 32.13 30.52 9.63
C LEU B 93 31.74 31.79 8.84
N ASN B 94 30.97 32.65 9.51
CA ASN B 94 30.48 33.88 8.89
C ASN B 94 31.01 35.09 9.66
N THR B 95 30.76 36.26 9.08
CA THR B 95 31.23 37.53 9.61
C THR B 95 30.13 38.59 9.70
N VAL B 96 29.06 38.45 8.90
CA VAL B 96 28.00 39.45 8.87
C VAL B 96 27.22 39.42 10.18
N GLU B 97 26.76 40.60 10.61
CA GLU B 97 26.12 40.74 11.91
C GLU B 97 24.64 40.37 11.89
N ARG B 98 24.05 40.21 10.71
CA ARG B 98 22.62 39.93 10.60
C ARG B 98 22.38 39.01 9.41
N ILE B 99 21.82 37.84 9.67
CA ILE B 99 21.36 36.94 8.60
C ILE B 99 19.84 36.94 8.64
N PRO B 100 19.18 37.66 7.72
CA PRO B 100 17.71 37.74 7.76
C PRO B 100 17.02 36.47 7.31
N LEU B 101 16.99 35.45 8.16
CA LEU B 101 16.15 34.27 7.95
C LEU B 101 14.81 34.43 8.67
N GLU B 102 14.11 35.51 8.30
CA GLU B 102 12.94 35.94 9.05
C GLU B 102 11.71 35.10 8.73
N ASN B 103 11.47 34.87 7.44
CA ASN B 103 10.28 34.15 7.00
C ASN B 103 10.49 32.63 6.94
N LEU B 104 11.59 32.12 7.49
CA LEU B 104 11.81 30.69 7.56
C LEU B 104 10.86 30.07 8.59
N GLN B 105 9.97 29.20 8.13
CA GLN B 105 8.89 28.68 8.96
C GLN B 105 9.22 27.33 9.58
N ILE B 106 9.57 26.33 8.77
CA ILE B 106 9.82 24.99 9.26
C ILE B 106 11.12 24.46 8.65
N ILE B 107 11.89 23.74 9.44
CA ILE B 107 13.07 23.03 8.99
C ILE B 107 12.75 21.54 9.06
N ARG B 108 12.69 20.89 7.89
CA ARG B 108 12.30 19.48 7.86
C ARG B 108 13.43 18.59 8.37
N GLY B 109 14.66 18.85 7.96
CA GLY B 109 15.79 18.05 8.39
C GLY B 109 15.84 16.67 7.78
N ASN B 110 15.62 16.57 6.46
CA ASN B 110 15.68 15.27 5.81
C ASN B 110 17.10 14.75 5.67
N MET B 111 18.07 15.65 5.55
CA MET B 111 19.48 15.28 5.52
C MET B 111 20.14 15.74 6.81
N TYR B 112 20.93 14.85 7.40
CA TYR B 112 21.57 15.10 8.68
C TYR B 112 23.01 15.54 8.49
N TYR B 113 23.46 16.48 9.32
CA TYR B 113 24.84 16.95 9.25
C TYR B 113 25.79 16.03 9.98
N GLU B 114 25.59 15.86 11.29
CA GLU B 114 26.39 14.97 12.12
C GLU B 114 25.52 13.84 12.64
N ASN B 115 24.71 13.28 11.73
CA ASN B 115 23.84 12.11 11.88
C ASN B 115 22.67 12.30 12.85
N SER B 116 22.60 13.45 13.53
CA SER B 116 21.43 13.78 14.34
C SER B 116 21.10 15.27 14.35
N TYR B 117 21.81 16.11 13.61
CA TYR B 117 21.74 17.55 13.75
C TYR B 117 21.17 18.20 12.50
N ALA B 118 20.30 19.19 12.69
CA ALA B 118 19.70 19.92 11.58
C ALA B 118 20.10 21.39 11.60
N LEU B 119 19.87 22.11 12.69
CA LEU B 119 20.19 23.53 12.78
C LEU B 119 21.54 23.65 13.48
N ALA B 120 22.59 23.86 12.70
CA ALA B 120 23.96 23.91 13.21
C ALA B 120 24.54 25.29 12.93
N VAL B 121 24.68 26.10 13.98
CA VAL B 121 25.39 27.37 13.91
C VAL B 121 26.75 27.15 14.55
N LEU B 122 27.81 27.22 13.75
CA LEU B 122 29.11 26.69 14.14
C LEU B 122 30.20 27.73 13.85
N SER B 123 30.71 28.36 14.91
CA SER B 123 31.94 29.16 14.94
C SER B 123 31.87 30.34 13.95
N ASN B 124 30.96 31.26 14.25
CA ASN B 124 30.83 32.50 13.48
C ASN B 124 31.51 33.62 14.27
N TYR B 125 32.83 33.73 14.09
CA TYR B 125 33.60 34.76 14.76
C TYR B 125 34.85 35.07 13.96
N ASP B 126 35.25 36.35 13.98
CA ASP B 126 36.47 36.83 13.38
C ASP B 126 37.54 36.91 14.48
N ALA B 127 38.69 37.51 14.17
CA ALA B 127 39.71 37.75 15.18
C ALA B 127 39.30 38.81 16.19
N ASN B 128 38.34 39.66 15.84
CA ASN B 128 37.74 40.61 16.76
C ASN B 128 36.65 39.97 17.62
N LYS B 129 36.32 38.70 17.34
CA LYS B 129 35.24 37.94 18.00
C LYS B 129 33.89 38.65 17.89
N THR B 130 33.66 39.34 16.77
CA THR B 130 32.41 40.02 16.48
C THR B 130 31.87 39.46 15.16
N GLY B 131 31.11 38.37 15.25
CA GLY B 131 30.58 37.73 14.07
C GLY B 131 29.09 37.96 13.89
N LEU B 132 28.31 36.90 14.00
CA LEU B 132 26.86 36.97 13.85
C LEU B 132 26.26 37.47 15.15
N LYS B 133 25.89 38.76 15.19
CA LYS B 133 25.38 39.35 16.42
C LYS B 133 23.95 38.88 16.71
N GLU B 134 23.10 38.83 15.70
CA GLU B 134 21.72 38.38 15.88
C GLU B 134 21.29 37.53 14.69
N LEU B 135 20.46 36.54 14.98
CA LEU B 135 19.93 35.63 13.96
C LEU B 135 18.41 35.66 14.07
N PRO B 136 17.73 36.60 13.41
CA PRO B 136 16.27 36.73 13.55
C PRO B 136 15.47 35.67 12.80
N MET B 137 15.32 34.50 13.42
CA MET B 137 14.45 33.46 12.88
C MET B 137 13.09 33.61 13.55
N ARG B 138 12.27 34.48 12.98
CA ARG B 138 11.01 34.85 13.63
C ARG B 138 9.95 33.76 13.48
N ASN B 139 9.71 33.31 12.26
CA ASN B 139 8.63 32.37 11.98
C ASN B 139 9.04 30.92 12.22
N LEU B 140 10.26 30.66 12.68
CA LEU B 140 10.70 29.29 12.94
C LEU B 140 9.99 28.77 14.18
N GLN B 141 9.13 27.77 14.01
CA GLN B 141 8.32 27.24 15.11
C GLN B 141 8.50 25.75 15.36
N GLU B 142 9.05 24.99 14.40
CA GLU B 142 9.12 23.55 14.56
C GLU B 142 10.21 22.99 13.65
N ILE B 143 11.00 22.07 14.20
CA ILE B 143 11.93 21.25 13.43
C ILE B 143 11.53 19.80 13.62
N LEU B 144 11.20 19.13 12.51
CA LEU B 144 10.71 17.75 12.59
C LEU B 144 11.83 16.78 12.91
N HIS B 145 12.84 16.70 12.04
CA HIS B 145 13.95 15.77 12.20
C HIS B 145 15.25 16.55 12.37
N GLY B 146 16.13 16.00 13.19
CA GLY B 146 17.40 16.63 13.50
C GLY B 146 17.37 17.38 14.81
N ALA B 147 18.54 17.85 15.22
CA ALA B 147 18.67 18.61 16.46
C ALA B 147 19.38 19.93 16.21
N VAL B 148 19.71 20.66 17.28
CA VAL B 148 20.27 21.99 17.20
C VAL B 148 21.63 21.99 17.89
N ARG B 149 22.66 22.45 17.18
CA ARG B 149 24.00 22.58 17.73
C ARG B 149 24.50 24.01 17.53
N PHE B 150 24.81 24.69 18.63
CA PHE B 150 25.39 26.02 18.63
C PHE B 150 26.80 25.93 19.22
N SER B 151 27.78 26.48 18.50
CA SER B 151 29.16 26.37 18.95
C SER B 151 29.95 27.62 18.58
N ASN B 152 30.68 28.14 19.56
CA ASN B 152 31.70 29.20 19.40
C ASN B 152 31.09 30.48 18.83
N ASN B 153 30.17 31.06 19.60
CA ASN B 153 29.55 32.34 19.27
C ASN B 153 29.82 33.31 20.42
N PRO B 154 30.88 34.13 20.31
CA PRO B 154 31.19 35.09 21.38
C PRO B 154 30.15 36.18 21.53
N ALA B 155 29.82 36.87 20.44
CA ALA B 155 28.82 37.92 20.43
C ALA B 155 27.58 37.39 19.73
N LEU B 156 26.53 37.10 20.51
CA LEU B 156 25.29 36.54 19.97
C LEU B 156 24.16 36.94 20.90
N CYS B 157 23.33 37.89 20.45
CA CYS B 157 22.24 38.41 21.26
C CYS B 157 20.92 37.69 20.95
N ASN B 158 20.14 37.46 22.01
CA ASN B 158 18.75 37.01 21.94
C ASN B 158 18.61 35.65 21.25
N VAL B 159 19.60 34.79 21.45
CA VAL B 159 19.53 33.41 20.97
C VAL B 159 19.66 32.50 22.19
N GLU B 160 20.36 32.98 23.22
CA GLU B 160 20.55 32.21 24.44
C GLU B 160 19.29 32.15 25.29
N SER B 161 18.34 33.06 25.08
CA SER B 161 17.09 33.06 25.81
C SER B 161 16.01 32.22 25.13
N ILE B 162 16.25 31.76 23.91
CA ILE B 162 15.28 30.95 23.18
C ILE B 162 15.27 29.54 23.75
N GLN B 163 14.11 29.11 24.23
CA GLN B 163 13.93 27.72 24.63
C GLN B 163 13.70 26.84 23.40
N TRP B 164 14.20 25.61 23.45
CA TRP B 164 14.18 24.72 22.30
C TRP B 164 13.32 23.49 22.53
N ARG B 165 12.59 23.43 23.65
CA ARG B 165 11.59 22.39 23.82
C ARG B 165 10.38 22.65 22.93
N ASP B 166 10.09 23.93 22.64
CA ASP B 166 9.02 24.28 21.72
C ASP B 166 9.37 23.92 20.28
N ILE B 167 10.65 24.04 19.92
CA ILE B 167 11.06 23.83 18.54
C ILE B 167 11.33 22.36 18.27
N VAL B 168 12.30 21.80 18.99
CA VAL B 168 12.70 20.41 18.78
C VAL B 168 11.72 19.49 19.48
N SER B 169 11.30 18.44 18.79
CA SER B 169 10.37 17.47 19.35
C SER B 169 11.05 16.62 20.42
N SER B 170 10.23 15.84 21.13
CA SER B 170 10.71 15.04 22.25
C SER B 170 11.52 13.81 21.81
N ASP B 171 11.49 13.46 20.53
CA ASP B 171 12.23 12.29 20.06
C ASP B 171 13.72 12.61 19.95
N PHE B 172 14.07 13.78 19.43
CA PHE B 172 15.45 14.14 19.15
C PHE B 172 15.95 15.22 20.10
N LEU B 173 15.57 15.11 21.38
CA LEU B 173 15.96 16.09 22.39
C LEU B 173 17.21 15.68 23.16
N SER B 174 17.60 14.40 23.09
CA SER B 174 18.69 13.90 23.92
C SER B 174 20.06 14.30 23.37
N ASN B 175 20.23 14.28 22.05
CA ASN B 175 21.56 14.45 21.48
C ASN B 175 21.97 15.91 21.33
N MET B 176 21.04 16.86 21.49
CA MET B 176 21.37 18.26 21.25
C MET B 176 22.11 18.86 22.44
N SER B 177 22.98 19.82 22.14
CA SER B 177 23.79 20.49 23.14
C SER B 177 24.27 21.82 22.56
N MET B 178 24.36 22.84 23.42
CA MET B 178 24.78 24.16 22.99
C MET B 178 25.40 24.90 24.15
N ASP B 179 26.16 25.95 23.82
CA ASP B 179 26.80 26.79 24.82
C ASP B 179 26.75 28.25 24.36
N PHE B 180 26.91 29.16 25.32
CA PHE B 180 26.89 30.59 25.05
C PHE B 180 27.91 31.27 25.95
N GLN B 181 28.83 32.01 25.34
CA GLN B 181 29.87 32.74 26.07
C GLN B 181 29.84 34.19 25.60
N ASN B 182 29.00 35.00 26.23
CA ASN B 182 28.89 36.42 25.91
C ASN B 182 29.88 37.19 26.76
N HIS B 183 30.91 37.75 26.12
CA HIS B 183 31.98 38.48 26.81
C HIS B 183 32.24 39.78 26.07
N LEU B 184 31.93 40.91 26.72
CA LEU B 184 32.16 42.27 26.22
C LEU B 184 31.45 42.51 24.89
N GLY B 185 30.19 42.07 24.81
CA GLY B 185 29.40 42.24 23.61
C GLY B 185 28.57 43.49 23.54
N SER B 186 28.39 44.17 24.68
CA SER B 186 27.56 45.38 24.82
C SER B 186 26.13 45.14 24.33
N CYS B 187 25.51 44.07 24.84
CA CYS B 187 24.20 43.63 24.39
C CYS B 187 23.12 44.19 25.31
N GLN B 188 21.97 44.51 24.71
CA GLN B 188 20.89 45.17 25.41
C GLN B 188 19.86 44.15 25.91
N LYS B 189 18.74 44.65 26.40
CA LYS B 189 17.74 43.84 27.09
C LYS B 189 16.72 43.27 26.10
N CYS B 190 16.22 42.07 26.41
CA CYS B 190 15.16 41.44 25.63
C CYS B 190 13.82 42.13 25.86
N ASP B 191 12.79 41.64 25.16
CA ASP B 191 11.47 42.23 25.23
C ASP B 191 10.73 41.70 26.45
N PRO B 192 10.32 42.56 27.40
CA PRO B 192 9.57 42.09 28.56
C PRO B 192 8.09 41.85 28.30
N SER B 193 7.59 42.18 27.11
CA SER B 193 6.18 42.03 26.79
C SER B 193 5.83 40.67 26.21
N CYS B 194 6.77 39.73 26.21
CA CYS B 194 6.57 38.37 25.73
C CYS B 194 6.85 37.37 26.86
N PRO B 195 6.11 36.27 26.91
CA PRO B 195 6.28 35.34 28.04
C PRO B 195 7.58 34.55 27.97
N ASN B 196 8.08 34.19 29.16
CA ASN B 196 9.27 33.38 29.41
C ASN B 196 10.57 34.04 28.94
N GLY B 197 10.55 35.31 28.57
CA GLY B 197 11.75 36.02 28.19
C GLY B 197 12.43 35.57 26.92
N SER B 198 11.73 34.82 26.06
CA SER B 198 12.31 34.25 24.86
C SER B 198 11.98 35.15 23.68
N CYS B 199 12.97 35.90 23.21
CA CYS B 199 12.82 36.77 22.04
C CYS B 199 13.95 36.49 21.06
N TRP B 200 13.60 36.52 19.77
CA TRP B 200 14.61 36.29 18.73
C TRP B 200 15.41 37.56 18.44
N GLY B 201 14.73 38.71 18.41
CA GLY B 201 15.40 39.96 18.16
C GLY B 201 15.31 40.91 19.33
N ALA B 202 15.24 42.22 19.05
CA ALA B 202 15.17 43.23 20.11
C ALA B 202 14.01 44.20 19.97
N GLY B 203 13.39 44.31 18.80
CA GLY B 203 12.27 45.21 18.62
C GLY B 203 10.96 44.62 19.12
N GLU B 204 9.89 45.37 18.87
CA GLU B 204 8.55 44.92 19.25
C GLU B 204 8.10 43.78 18.34
N GLU B 205 7.22 42.93 18.89
CA GLU B 205 6.70 41.66 18.36
C GLU B 205 7.75 40.82 17.62
N ASN B 206 8.96 40.77 18.19
CA ASN B 206 10.09 40.04 17.61
C ASN B 206 10.40 38.78 18.42
N CYS B 207 9.45 38.30 19.21
CA CYS B 207 9.70 37.19 20.11
C CYS B 207 9.17 35.88 19.53
N GLN B 208 9.41 34.80 20.26
CA GLN B 208 9.12 33.46 19.78
C GLN B 208 7.63 33.17 19.86
N LYS B 209 7.04 32.77 18.74
CA LYS B 209 5.64 32.35 18.71
C LYS B 209 5.60 30.87 19.11
N LEU B 210 5.67 30.66 20.42
CA LEU B 210 5.72 29.31 20.97
C LEU B 210 4.35 28.64 20.89
N THR B 211 4.34 27.37 20.45
CA THR B 211 3.09 26.67 20.16
C THR B 211 3.02 25.31 20.85
N LYS B 212 3.82 25.06 21.88
CA LYS B 212 3.80 23.71 22.44
C LYS B 212 3.47 23.67 23.93
N ILE B 213 4.06 24.55 24.74
CA ILE B 213 4.00 24.35 26.18
C ILE B 213 2.86 25.16 26.82
N ILE B 214 2.54 26.32 26.26
CA ILE B 214 1.32 27.04 26.67
C ILE B 214 0.21 26.55 25.74
N CYS B 215 -0.30 25.36 26.05
CA CYS B 215 -1.16 24.61 25.14
C CYS B 215 -1.72 23.42 25.90
N ALA B 216 -2.97 23.09 25.62
CA ALA B 216 -3.58 21.93 26.23
C ALA B 216 -3.07 20.65 25.57
N GLN B 217 -3.03 19.58 26.35
CA GLN B 217 -2.58 18.26 25.87
C GLN B 217 -3.74 17.43 25.33
N GLN B 218 -4.81 18.07 24.88
CA GLN B 218 -5.99 17.40 24.35
C GLN B 218 -5.87 17.07 22.87
N CYS B 219 -4.71 17.30 22.26
CA CYS B 219 -4.47 16.90 20.88
C CYS B 219 -2.96 16.76 20.70
N SER B 220 -2.56 15.78 19.88
CA SER B 220 -1.14 15.47 19.70
C SER B 220 -0.45 16.39 18.72
N GLY B 221 -1.17 17.27 18.03
CA GLY B 221 -0.59 18.19 17.09
C GLY B 221 -0.15 19.49 17.73
N ARG B 222 -0.08 20.54 16.92
CA ARG B 222 0.31 21.86 17.39
C ARG B 222 -0.95 22.64 17.75
N CYS B 223 -0.77 23.93 18.09
CA CYS B 223 -1.88 24.80 18.44
C CYS B 223 -1.47 26.24 18.17
N ARG B 224 -2.40 27.17 18.39
CA ARG B 224 -2.16 28.58 18.20
C ARG B 224 -2.36 29.41 19.46
N GLY B 225 -3.03 28.87 20.48
CA GLY B 225 -3.23 29.58 21.72
C GLY B 225 -3.32 28.66 22.91
N LYS B 226 -3.78 29.18 24.05
CA LYS B 226 -3.96 28.38 25.25
C LYS B 226 -5.36 27.79 25.38
N SER B 227 -6.19 27.95 24.36
CA SER B 227 -7.53 27.40 24.40
C SER B 227 -7.48 25.89 24.18
N PRO B 228 -8.27 25.10 24.93
CA PRO B 228 -8.19 23.64 24.76
C PRO B 228 -8.81 23.14 23.48
N SER B 229 -9.92 23.72 23.05
CA SER B 229 -10.66 23.24 21.88
C SER B 229 -10.32 24.01 20.62
N ASP B 230 -9.18 24.69 20.60
CA ASP B 230 -8.77 25.51 19.46
C ASP B 230 -7.34 25.19 19.04
N CYS B 231 -7.04 23.90 18.90
CA CYS B 231 -5.71 23.47 18.49
C CYS B 231 -5.73 23.00 17.04
N CYS B 232 -4.54 22.77 16.50
CA CYS B 232 -4.36 22.55 15.07
C CYS B 232 -4.66 21.11 14.69
N HIS B 233 -4.59 20.85 13.39
CA HIS B 233 -4.77 19.52 12.84
C HIS B 233 -3.53 18.67 13.13
N ASN B 234 -3.69 17.35 13.03
CA ASN B 234 -2.60 16.42 13.31
C ASN B 234 -1.47 16.55 12.28
N GLN B 235 -1.80 16.92 11.05
CA GLN B 235 -0.81 17.06 9.99
C GLN B 235 -0.40 18.51 9.75
N CYS B 236 -0.96 19.45 10.50
CA CYS B 236 -0.53 20.85 10.43
C CYS B 236 0.64 21.05 11.38
N ALA B 237 1.85 21.04 10.84
CA ALA B 237 3.04 21.37 11.59
C ALA B 237 3.28 22.87 11.58
N ALA B 238 4.05 23.35 12.56
CA ALA B 238 4.44 24.75 12.73
C ALA B 238 3.23 25.67 12.85
N GLY B 239 2.26 25.25 13.66
CA GLY B 239 1.09 26.07 13.92
C GLY B 239 0.10 26.09 12.76
N CYS B 240 -1.00 26.80 13.00
CA CYS B 240 -2.06 26.95 12.01
C CYS B 240 -2.81 28.25 12.32
N THR B 241 -3.77 28.57 11.45
CA THR B 241 -4.64 29.74 11.63
C THR B 241 -6.10 29.32 11.74
N GLY B 242 -6.36 28.10 12.19
CA GLY B 242 -7.71 27.60 12.33
C GLY B 242 -7.75 26.08 12.40
N PRO B 243 -8.86 25.54 12.93
CA PRO B 243 -8.97 24.08 13.03
C PRO B 243 -9.17 23.38 11.70
N ARG B 244 -9.63 24.09 10.68
CA ARG B 244 -9.77 23.50 9.35
C ARG B 244 -8.40 23.33 8.72
N GLU B 245 -8.23 22.23 7.96
CA GLU B 245 -6.95 21.92 7.34
C GLU B 245 -6.58 22.85 6.20
N SER B 246 -7.51 23.67 5.70
CA SER B 246 -7.17 24.66 4.68
C SER B 246 -6.42 25.83 5.30
N ASP B 247 -6.92 26.33 6.44
CA ASP B 247 -6.23 27.39 7.19
C ASP B 247 -5.06 26.75 7.93
N CYS B 248 -3.94 26.63 7.21
CA CYS B 248 -2.79 25.88 7.71
C CYS B 248 -1.55 26.41 7.03
N LEU B 249 -0.47 26.59 7.81
CA LEU B 249 0.74 27.19 7.27
C LEU B 249 1.51 26.21 6.38
N VAL B 250 2.00 25.12 6.96
CA VAL B 250 2.73 24.09 6.23
C VAL B 250 2.18 22.73 6.63
N CYS B 251 2.50 21.74 5.79
CA CYS B 251 2.09 20.36 6.02
C CYS B 251 3.21 19.60 6.72
N ARG B 252 2.90 18.37 7.13
CA ARG B 252 3.87 17.52 7.82
C ARG B 252 4.40 16.40 6.93
N LYS B 253 3.52 15.59 6.33
CA LYS B 253 3.95 14.48 5.49
C LYS B 253 3.58 14.68 4.03
N PHE B 254 2.29 14.85 3.72
CA PHE B 254 1.83 15.07 2.36
C PHE B 254 1.16 16.42 2.26
N ARG B 255 1.27 17.04 1.08
CA ARG B 255 0.69 18.36 0.82
C ARG B 255 -0.37 18.23 -0.27
N ASP B 256 -1.63 18.30 0.14
CA ASP B 256 -2.75 18.39 -0.79
C ASP B 256 -2.88 19.83 -1.26
N GLU B 257 -3.74 20.05 -2.25
CA GLU B 257 -3.95 21.38 -2.83
C GLU B 257 -4.62 22.29 -1.80
N ALA B 258 -3.83 23.21 -1.24
CA ALA B 258 -4.20 24.21 -0.24
C ALA B 258 -4.68 23.62 1.08
N THR B 259 -4.49 22.32 1.31
CA THR B 259 -4.79 21.67 2.58
C THR B 259 -3.61 20.76 2.95
N CYS B 260 -3.72 20.10 4.11
CA CYS B 260 -2.70 19.19 4.59
C CYS B 260 -3.35 17.88 5.01
N LYS B 261 -2.87 16.78 4.45
CA LYS B 261 -3.40 15.45 4.74
C LYS B 261 -2.27 14.50 5.10
N ASP B 262 -2.64 13.41 5.78
CA ASP B 262 -1.66 12.37 6.09
C ASP B 262 -1.43 11.47 4.89
N THR B 263 -2.51 11.08 4.21
CA THR B 263 -2.41 10.26 3.01
C THR B 263 -3.56 10.66 2.08
N CYS B 264 -3.23 11.28 0.95
CA CYS B 264 -4.25 11.59 -0.03
C CYS B 264 -4.74 10.30 -0.70
N PRO B 265 -6.06 10.15 -0.88
CA PRO B 265 -6.63 8.83 -1.21
C PRO B 265 -6.31 8.39 -2.62
N PRO B 266 -6.37 7.08 -2.90
CA PRO B 266 -6.14 6.60 -4.27
C PRO B 266 -7.32 6.86 -5.21
N LEU B 267 -7.24 6.32 -6.42
CA LEU B 267 -8.27 6.56 -7.42
C LEU B 267 -9.58 5.85 -7.07
N MET B 268 -9.53 4.52 -6.97
CA MET B 268 -10.74 3.70 -6.88
C MET B 268 -10.90 3.20 -5.45
N LEU B 269 -11.91 3.72 -4.76
CA LEU B 269 -12.26 3.32 -3.41
C LEU B 269 -13.49 2.40 -3.45
N TYR B 270 -14.02 2.08 -2.28
CA TYR B 270 -15.20 1.23 -2.17
C TYR B 270 -16.46 2.02 -2.54
N ASN B 271 -17.54 1.27 -2.77
CA ASN B 271 -18.83 1.84 -3.14
C ASN B 271 -19.90 1.07 -2.39
N PRO B 272 -20.67 1.70 -1.50
CA PRO B 272 -21.72 0.98 -0.77
C PRO B 272 -22.97 0.68 -1.60
N THR B 273 -23.09 1.27 -2.80
CA THR B 273 -24.29 1.06 -3.62
C THR B 273 -24.10 -0.06 -4.63
N THR B 274 -23.10 0.07 -5.50
CA THR B 274 -22.88 -0.90 -6.56
C THR B 274 -21.93 -2.03 -6.18
N TYR B 275 -21.26 -1.92 -5.02
CA TYR B 275 -20.27 -2.89 -4.51
C TYR B 275 -19.14 -3.13 -5.51
N GLN B 276 -18.72 -2.06 -6.18
CA GLN B 276 -17.67 -2.13 -7.19
C GLN B 276 -16.70 -0.97 -6.94
N MET B 277 -15.81 -0.74 -7.90
CA MET B 277 -14.87 0.37 -7.82
C MET B 277 -15.53 1.65 -8.34
N ASP B 278 -15.28 2.75 -7.64
CA ASP B 278 -15.90 4.04 -7.94
C ASP B 278 -14.81 5.06 -8.24
N VAL B 279 -15.17 6.08 -9.03
CA VAL B 279 -14.21 7.13 -9.37
C VAL B 279 -13.91 8.00 -8.15
N ASN B 280 -12.80 8.73 -8.23
CA ASN B 280 -12.31 9.49 -7.08
C ASN B 280 -13.10 10.78 -6.89
N PRO B 281 -13.63 11.05 -5.70
CA PRO B 281 -14.17 12.39 -5.44
C PRO B 281 -13.08 13.42 -5.24
N GLU B 282 -12.02 13.09 -4.48
CA GLU B 282 -10.89 13.98 -4.28
C GLU B 282 -9.55 13.24 -4.36
N GLY B 283 -9.53 12.01 -4.87
CA GLY B 283 -8.32 11.20 -4.82
C GLY B 283 -7.34 11.56 -5.93
N LYS B 284 -6.06 11.62 -5.56
CA LYS B 284 -4.97 11.90 -6.48
C LYS B 284 -3.83 10.91 -6.24
N TYR B 285 -2.74 11.08 -6.98
CA TYR B 285 -1.55 10.26 -6.79
C TYR B 285 -0.70 10.88 -5.68
N SER B 286 0.49 10.33 -5.46
CA SER B 286 1.41 10.83 -4.44
C SER B 286 2.80 10.99 -5.06
N PHE B 287 3.17 12.24 -5.36
CA PHE B 287 4.48 12.55 -5.93
C PHE B 287 5.25 13.33 -4.87
N GLY B 288 5.94 12.60 -4.00
CA GLY B 288 6.79 13.25 -3.00
C GLY B 288 5.97 13.91 -1.92
N ALA B 289 6.31 15.18 -1.63
CA ALA B 289 5.60 15.92 -0.61
C ALA B 289 4.21 16.34 -1.07
N THR B 290 4.00 16.49 -2.36
CA THR B 290 2.72 16.93 -2.89
C THR B 290 1.94 15.76 -3.49
N CYS B 291 0.65 15.98 -3.67
CA CYS B 291 -0.25 15.01 -4.31
C CYS B 291 -0.71 15.60 -5.64
N VAL B 292 -0.28 14.99 -6.74
CA VAL B 292 -0.65 15.45 -8.07
C VAL B 292 -1.62 14.45 -8.68
N LYS B 293 -2.30 14.89 -9.74
CA LYS B 293 -3.32 14.06 -10.37
C LYS B 293 -2.73 12.96 -11.25
N LYS B 294 -1.55 13.19 -11.81
CA LYS B 294 -0.95 12.25 -12.74
C LYS B 294 0.55 12.21 -12.53
N CYS B 295 1.12 11.00 -12.48
CA CYS B 295 2.57 10.85 -12.45
C CYS B 295 3.17 11.25 -13.78
N PRO B 296 4.42 11.71 -13.79
CA PRO B 296 5.12 11.90 -15.07
C PRO B 296 5.39 10.57 -15.77
N ARG B 297 5.75 10.68 -17.06
CA ARG B 297 5.82 9.53 -17.94
C ARG B 297 6.99 8.59 -17.64
N ASN B 298 7.97 9.02 -16.83
CA ASN B 298 9.11 8.18 -16.49
C ASN B 298 9.01 7.52 -15.12
N TYR B 299 8.26 8.11 -14.19
CA TYR B 299 8.13 7.52 -12.87
C TYR B 299 7.19 6.32 -12.91
N VAL B 300 7.36 5.43 -11.92
CA VAL B 300 6.63 4.17 -11.86
C VAL B 300 5.34 4.39 -11.09
N VAL B 301 4.21 4.05 -11.71
CA VAL B 301 2.91 4.14 -11.06
C VAL B 301 2.64 2.80 -10.37
N THR B 302 2.63 2.80 -9.05
CA THR B 302 2.37 1.59 -8.29
C THR B 302 0.87 1.39 -8.12
N ASP B 303 0.49 0.25 -7.52
CA ASP B 303 -0.91 -0.04 -7.29
C ASP B 303 -1.51 0.75 -6.13
N HIS B 304 -0.67 1.31 -5.25
CA HIS B 304 -1.15 2.10 -4.13
C HIS B 304 -1.35 3.56 -4.48
N GLY B 305 -0.98 3.99 -5.69
CA GLY B 305 -1.20 5.35 -6.11
C GLY B 305 -0.17 6.33 -5.60
N SER B 306 1.11 6.01 -5.77
CA SER B 306 2.20 6.89 -5.36
C SER B 306 3.27 6.89 -6.43
N CYS B 307 3.64 8.09 -6.88
CA CYS B 307 4.68 8.25 -7.90
C CYS B 307 6.04 7.95 -7.26
N VAL B 308 6.69 6.88 -7.70
CA VAL B 308 7.96 6.46 -7.13
C VAL B 308 9.04 6.51 -8.19
N ARG B 309 10.29 6.62 -7.74
CA ARG B 309 11.43 6.51 -8.64
C ARG B 309 11.74 5.05 -8.94
N ALA B 310 12.06 4.28 -7.90
CA ALA B 310 12.33 2.86 -8.03
C ALA B 310 11.26 2.07 -7.29
N CYS B 311 10.97 0.88 -7.81
CA CYS B 311 9.96 0.01 -7.21
C CYS B 311 10.64 -0.88 -6.16
N GLY B 312 9.94 -1.92 -5.73
CA GLY B 312 10.45 -2.80 -4.69
C GLY B 312 11.63 -3.65 -5.15
N ALA B 313 12.21 -4.36 -4.17
CA ALA B 313 13.39 -5.17 -4.45
C ALA B 313 13.07 -6.40 -5.27
N ASP B 314 11.86 -6.95 -5.11
CA ASP B 314 11.38 -8.07 -5.92
C ASP B 314 10.30 -7.49 -6.83
N SER B 315 10.72 -6.95 -7.98
CA SER B 315 9.81 -6.27 -8.88
C SER B 315 10.29 -6.46 -10.32
N TYR B 316 9.51 -5.93 -11.26
CA TYR B 316 9.83 -6.03 -12.68
C TYR B 316 9.23 -4.79 -13.35
N GLU B 317 10.08 -3.82 -13.67
CA GLU B 317 9.62 -2.55 -14.23
C GLU B 317 9.24 -2.74 -15.70
N MET B 318 7.93 -2.72 -15.97
CA MET B 318 7.42 -2.86 -17.32
C MET B 318 6.07 -2.15 -17.42
N GLU B 319 5.88 -1.39 -18.48
CA GLU B 319 4.63 -0.67 -18.66
C GLU B 319 3.49 -1.59 -19.03
N GLU B 320 2.29 -1.30 -18.52
CA GLU B 320 1.09 -2.06 -18.85
C GLU B 320 0.22 -1.32 -19.86
N ASP B 321 -0.23 -0.12 -19.51
CA ASP B 321 -1.08 0.71 -20.36
C ASP B 321 -0.50 2.12 -20.41
N GLY B 322 0.44 2.34 -21.33
CA GLY B 322 1.01 3.65 -21.52
C GLY B 322 2.02 4.06 -20.47
N VAL B 323 1.55 4.29 -19.24
CA VAL B 323 2.44 4.75 -18.17
C VAL B 323 3.27 3.59 -17.64
N ARG B 324 4.39 3.92 -17.00
CA ARG B 324 5.30 2.92 -16.48
C ARG B 324 4.79 2.38 -15.15
N LYS B 325 4.84 1.06 -15.01
CA LYS B 325 4.40 0.38 -13.79
C LYS B 325 5.44 -0.67 -13.40
N CYS B 326 5.26 -1.24 -12.21
CA CYS B 326 6.07 -2.35 -11.76
C CYS B 326 5.16 -3.45 -11.24
N LYS B 327 5.53 -4.70 -11.52
CA LYS B 327 4.77 -5.86 -11.10
C LYS B 327 5.69 -6.84 -10.38
N LYS B 328 5.08 -7.80 -9.70
CA LYS B 328 5.84 -8.80 -8.94
C LYS B 328 6.51 -9.77 -9.92
N CYS B 329 7.84 -9.78 -9.90
CA CYS B 329 8.60 -10.64 -10.81
C CYS B 329 8.57 -12.08 -10.34
N GLU B 330 8.57 -13.00 -11.30
CA GLU B 330 8.60 -14.42 -11.04
C GLU B 330 9.90 -15.03 -11.53
N GLY B 331 10.24 -16.18 -10.97
CA GLY B 331 11.44 -16.89 -11.35
C GLY B 331 12.64 -16.50 -10.52
N PRO B 332 13.78 -16.27 -11.17
CA PRO B 332 14.99 -15.96 -10.41
C PRO B 332 15.02 -14.55 -9.82
N CYS B 333 14.57 -13.54 -10.59
CA CYS B 333 14.68 -12.11 -10.26
C CYS B 333 16.13 -11.74 -9.92
N ARG B 334 16.97 -11.88 -10.94
CA ARG B 334 18.43 -12.00 -10.81
C ARG B 334 19.12 -10.80 -10.18
N LYS B 335 19.09 -9.65 -10.84
CA LYS B 335 19.94 -8.53 -10.42
C LYS B 335 19.34 -7.20 -10.85
N VAL B 336 19.34 -6.24 -9.93
CA VAL B 336 19.03 -4.85 -10.22
C VAL B 336 20.20 -4.01 -9.73
N CYS B 337 20.50 -2.93 -10.45
CA CYS B 337 21.65 -2.09 -10.14
C CYS B 337 21.18 -0.81 -9.46
N ASN B 338 21.69 -0.56 -8.25
CA ASN B 338 21.31 0.64 -7.53
C ASN B 338 21.96 1.89 -8.13
N GLY B 339 23.13 1.74 -8.74
CA GLY B 339 23.80 2.88 -9.34
C GLY B 339 24.60 3.67 -8.33
N ILE B 340 24.93 4.90 -8.71
CA ILE B 340 25.72 5.81 -7.89
C ILE B 340 24.77 6.81 -7.24
N GLY B 341 24.89 6.98 -5.92
CA GLY B 341 24.16 7.98 -5.18
C GLY B 341 23.13 7.42 -4.22
N ILE B 342 22.54 6.27 -4.54
CA ILE B 342 21.54 5.64 -3.69
C ILE B 342 21.96 4.20 -3.40
N GLY B 343 21.41 3.66 -2.33
CA GLY B 343 21.67 2.27 -1.99
C GLY B 343 23.00 2.12 -1.26
N GLU B 344 23.80 1.15 -1.72
CA GLU B 344 25.08 0.87 -1.09
C GLU B 344 26.12 1.93 -1.43
N PHE B 345 26.06 2.49 -2.63
CA PHE B 345 27.07 3.42 -3.15
C PHE B 345 26.64 4.87 -3.00
N LYS B 346 25.99 5.20 -1.87
CA LYS B 346 25.49 6.55 -1.64
C LYS B 346 26.63 7.55 -1.48
N ASP B 347 27.71 7.17 -0.82
CA ASP B 347 28.79 8.11 -0.53
C ASP B 347 29.85 8.12 -1.62
N SER B 348 29.90 7.11 -2.48
CA SER B 348 30.83 7.12 -3.60
C SER B 348 30.38 8.14 -4.64
N LEU B 349 31.32 8.96 -5.12
CA LEU B 349 30.99 10.09 -5.95
C LEU B 349 31.21 9.85 -7.43
N SER B 350 31.85 8.75 -7.82
CA SER B 350 32.08 8.45 -9.23
C SER B 350 32.31 6.95 -9.37
N ILE B 351 32.09 6.46 -10.60
CA ILE B 351 32.44 5.07 -10.91
C ILE B 351 33.96 4.98 -11.05
N ASN B 352 34.52 3.88 -10.56
CA ASN B 352 35.97 3.74 -10.53
C ASN B 352 36.33 2.26 -10.68
N ALA B 353 37.57 1.91 -10.35
CA ALA B 353 38.04 0.54 -10.51
C ALA B 353 37.51 -0.41 -9.44
N THR B 354 36.82 0.10 -8.43
CA THR B 354 36.28 -0.74 -7.37
C THR B 354 34.83 -1.15 -7.62
N ASN B 355 33.99 -0.21 -8.02
CA ASN B 355 32.56 -0.46 -8.14
C ASN B 355 32.11 -0.92 -9.53
N ILE B 356 33.02 -0.94 -10.51
CA ILE B 356 32.61 -1.27 -11.87
C ILE B 356 32.34 -2.76 -12.04
N LYS B 357 32.89 -3.60 -11.15
CA LYS B 357 32.66 -5.04 -11.22
C LYS B 357 31.24 -5.42 -10.84
N HIS B 358 30.49 -4.52 -10.20
CA HIS B 358 29.08 -4.72 -9.96
C HIS B 358 28.20 -4.31 -11.14
N PHE B 359 28.80 -3.82 -12.24
CA PHE B 359 28.06 -3.43 -13.42
C PHE B 359 28.30 -4.38 -14.60
N LYS B 360 28.74 -5.62 -14.33
CA LYS B 360 29.06 -6.54 -15.41
C LYS B 360 27.80 -7.08 -16.08
N ASN B 361 26.98 -7.80 -15.32
CA ASN B 361 25.72 -8.33 -15.84
C ASN B 361 24.58 -7.40 -15.43
N CYS B 362 24.62 -6.19 -15.99
CA CYS B 362 23.67 -5.14 -15.64
C CYS B 362 23.07 -4.56 -16.91
N THR B 363 21.76 -4.40 -16.94
CA THR B 363 21.05 -3.87 -18.10
C THR B 363 20.39 -2.53 -17.84
N SER B 364 19.76 -2.34 -16.68
CA SER B 364 19.04 -1.11 -16.36
C SER B 364 19.67 -0.46 -15.14
N ILE B 365 20.20 0.74 -15.32
CA ILE B 365 20.78 1.51 -14.22
C ILE B 365 19.63 2.23 -13.50
N SER B 366 19.32 1.77 -12.30
CA SER B 366 18.33 2.45 -11.46
C SER B 366 18.98 3.47 -10.54
N GLY B 367 19.78 4.36 -11.12
CA GLY B 367 20.50 5.36 -10.36
C GLY B 367 21.20 6.38 -11.25
N ASP B 368 22.39 6.80 -10.86
CA ASP B 368 23.15 7.81 -11.59
C ASP B 368 24.48 7.22 -12.04
N LEU B 369 25.13 7.91 -12.97
CA LEU B 369 26.45 7.51 -13.47
C LEU B 369 27.33 8.75 -13.57
N HIS B 370 28.38 8.77 -12.76
CA HIS B 370 29.34 9.87 -12.71
C HIS B 370 30.70 9.36 -13.20
N ILE B 371 31.15 9.87 -14.34
CA ILE B 371 32.50 9.61 -14.81
C ILE B 371 33.32 10.87 -14.55
N LEU B 372 34.03 10.89 -13.42
CA LEU B 372 34.78 12.03 -12.95
C LEU B 372 36.28 11.78 -13.09
N PRO B 373 37.11 12.84 -13.16
CA PRO B 373 38.56 12.63 -13.31
C PRO B 373 39.27 12.04 -12.09
N VAL B 374 38.57 11.77 -10.97
CA VAL B 374 39.20 11.11 -9.84
C VAL B 374 39.49 9.65 -10.14
N ALA B 375 38.74 9.03 -11.07
CA ALA B 375 38.95 7.62 -11.39
C ALA B 375 40.20 7.41 -12.25
N PHE B 376 40.68 8.45 -12.93
CA PHE B 376 41.84 8.31 -13.80
C PHE B 376 43.14 8.83 -13.18
N ARG B 377 43.05 9.70 -12.17
CA ARG B 377 44.23 10.22 -11.52
C ARG B 377 44.65 9.42 -10.29
N GLY B 378 43.77 8.57 -9.77
CA GLY B 378 44.06 7.82 -8.57
C GLY B 378 43.73 8.58 -7.30
N ASP B 379 43.25 7.87 -6.28
CA ASP B 379 42.86 8.47 -5.02
C ASP B 379 43.80 7.99 -3.92
N SER B 380 44.36 8.94 -3.16
CA SER B 380 45.21 8.62 -2.03
C SER B 380 44.46 8.63 -0.70
N PHE B 381 43.25 9.20 -0.66
CA PHE B 381 42.47 9.23 0.57
C PHE B 381 41.75 7.91 0.81
N THR B 382 40.96 7.47 -0.16
CA THR B 382 40.18 6.24 -0.02
C THR B 382 40.96 5.00 -0.44
N HIS B 383 42.20 5.17 -0.92
CA HIS B 383 43.12 4.10 -1.31
C HIS B 383 42.52 3.20 -2.40
N THR B 384 42.10 3.82 -3.49
CA THR B 384 41.53 3.10 -4.62
C THR B 384 42.45 3.17 -5.83
N PRO B 385 42.59 2.08 -6.57
CA PRO B 385 43.43 2.10 -7.78
C PRO B 385 42.77 2.92 -8.88
N PRO B 386 43.54 3.43 -9.83
CA PRO B 386 42.94 4.15 -10.96
C PRO B 386 42.16 3.22 -11.88
N LEU B 387 41.17 3.79 -12.55
CA LEU B 387 40.30 3.01 -13.42
C LEU B 387 41.00 2.64 -14.72
N ASP B 388 40.92 1.37 -15.07
CA ASP B 388 41.38 0.88 -16.37
C ASP B 388 40.45 1.42 -17.44
N PRO B 389 40.96 2.12 -18.47
CA PRO B 389 40.07 2.61 -19.54
C PRO B 389 39.45 1.51 -20.39
N GLN B 390 40.00 0.30 -20.37
CA GLN B 390 39.41 -0.82 -21.10
C GLN B 390 38.18 -1.40 -20.40
N GLU B 391 37.95 -1.05 -19.14
CA GLU B 391 36.77 -1.53 -18.42
C GLU B 391 35.50 -0.76 -18.76
N LEU B 392 35.61 0.36 -19.48
CA LEU B 392 34.44 1.13 -19.86
C LEU B 392 33.56 0.40 -20.88
N ASP B 393 34.12 -0.60 -21.57
CA ASP B 393 33.32 -1.47 -22.42
C ASP B 393 32.35 -2.33 -21.63
N ILE B 394 32.59 -2.49 -20.32
CA ILE B 394 31.59 -3.11 -19.44
C ILE B 394 30.33 -2.25 -19.42
N LEU B 395 30.49 -0.92 -19.51
CA LEU B 395 29.35 -0.01 -19.68
C LEU B 395 28.66 -0.14 -21.04
N LYS B 396 29.22 -0.93 -21.96
CA LYS B 396 28.50 -1.34 -23.15
C LYS B 396 27.27 -2.19 -22.80
N THR B 397 27.33 -2.93 -21.68
CA THR B 397 26.29 -3.89 -21.34
C THR B 397 24.98 -3.20 -20.93
N VAL B 398 25.07 -2.08 -20.21
CA VAL B 398 23.86 -1.42 -19.71
C VAL B 398 23.10 -0.74 -20.86
N LYS B 399 21.81 -0.49 -20.63
CA LYS B 399 20.92 -0.02 -21.67
C LYS B 399 20.25 1.31 -21.35
N GLU B 400 19.83 1.54 -20.10
CA GLU B 400 19.08 2.73 -19.77
C GLU B 400 19.53 3.28 -18.42
N ILE B 401 19.23 4.56 -18.21
CA ILE B 401 19.56 5.27 -16.98
C ILE B 401 18.28 5.93 -16.47
N THR B 402 17.90 5.62 -15.23
CA THR B 402 16.74 6.27 -14.65
C THR B 402 17.06 7.70 -14.22
N GLY B 403 18.23 7.91 -13.63
CA GLY B 403 18.64 9.23 -13.19
C GLY B 403 19.34 10.03 -14.26
N PHE B 404 20.52 10.58 -13.93
CA PHE B 404 21.25 11.42 -14.86
C PHE B 404 22.62 10.83 -15.17
N LEU B 405 23.29 11.43 -16.15
CA LEU B 405 24.61 11.04 -16.59
C LEU B 405 25.50 12.26 -16.58
N LEU B 406 26.62 12.19 -15.84
CA LEU B 406 27.57 13.29 -15.71
C LEU B 406 28.96 12.78 -16.08
N ILE B 407 29.40 13.08 -17.31
CA ILE B 407 30.69 12.61 -17.81
C ILE B 407 31.63 13.80 -17.88
N GLN B 408 32.64 13.80 -17.01
CA GLN B 408 33.65 14.86 -16.97
C GLN B 408 35.05 14.33 -17.22
N ALA B 409 35.20 13.08 -17.67
CA ALA B 409 36.51 12.49 -17.88
C ALA B 409 36.46 11.48 -19.00
N TRP B 410 37.53 11.44 -19.80
CA TRP B 410 37.66 10.51 -20.92
C TRP B 410 39.13 10.46 -21.31
N PRO B 411 39.67 9.29 -21.67
CA PRO B 411 41.08 9.22 -22.06
C PRO B 411 41.37 9.95 -23.36
N GLU B 412 42.63 10.35 -23.51
CA GLU B 412 43.02 11.21 -24.62
C GLU B 412 43.13 10.45 -25.95
N ASN B 413 43.27 9.13 -25.92
CA ASN B 413 43.48 8.39 -27.15
C ASN B 413 42.17 8.08 -27.87
N ARG B 414 41.11 7.77 -27.13
CA ARG B 414 39.84 7.41 -27.73
C ARG B 414 39.09 8.65 -28.20
N THR B 415 38.55 8.59 -29.41
CA THR B 415 37.99 9.77 -30.06
C THR B 415 36.50 9.94 -29.82
N ASP B 416 35.76 8.88 -29.55
CA ASP B 416 34.32 8.96 -29.39
C ASP B 416 33.87 8.23 -28.13
N LEU B 417 32.74 8.67 -27.58
CA LEU B 417 32.15 8.06 -26.38
C LEU B 417 31.42 6.80 -26.80
N HIS B 418 32.19 5.75 -27.07
CA HIS B 418 31.64 4.47 -27.50
C HIS B 418 31.24 3.57 -26.35
N ALA B 419 31.46 4.01 -25.10
CA ALA B 419 31.08 3.22 -23.94
C ALA B 419 29.57 3.22 -23.69
N PHE B 420 28.84 4.15 -24.30
CA PHE B 420 27.39 4.23 -24.14
C PHE B 420 26.70 4.08 -25.49
N GLU B 421 27.12 3.11 -26.29
CA GLU B 421 26.54 2.91 -27.61
C GLU B 421 25.11 2.37 -27.51
N ASN B 422 24.86 1.47 -26.56
CA ASN B 422 23.53 0.91 -26.35
C ASN B 422 22.71 1.69 -25.33
N LEU B 423 23.00 2.97 -25.14
CA LEU B 423 22.25 3.82 -24.22
C LEU B 423 20.95 4.22 -24.91
N GLU B 424 19.86 3.52 -24.56
CA GLU B 424 18.60 3.72 -25.27
C GLU B 424 17.85 4.95 -24.78
N ILE B 425 17.47 4.95 -23.50
CA ILE B 425 16.64 6.00 -22.93
C ILE B 425 17.23 6.46 -21.61
N ILE B 426 17.19 7.77 -21.38
CA ILE B 426 17.57 8.36 -20.09
C ILE B 426 16.30 8.96 -19.50
N ARG B 427 15.83 8.38 -18.39
CA ARG B 427 14.54 8.77 -17.85
C ARG B 427 14.60 10.10 -17.10
N GLY B 428 15.72 10.42 -16.48
CA GLY B 428 15.86 11.70 -15.79
C GLY B 428 15.07 11.81 -14.50
N ARG B 429 14.96 10.71 -13.75
CA ARG B 429 14.25 10.73 -12.48
C ARG B 429 15.03 11.54 -11.45
N THR B 430 16.31 11.23 -11.29
CA THR B 430 17.22 12.05 -10.50
C THR B 430 17.98 12.96 -11.46
N LYS B 431 18.06 14.24 -11.11
CA LYS B 431 18.68 15.24 -11.96
C LYS B 431 19.80 15.96 -11.21
N GLN B 432 20.88 16.26 -11.91
CA GLN B 432 21.98 17.03 -11.33
C GLN B 432 21.54 18.47 -11.14
N HIS B 433 21.57 18.94 -9.88
CA HIS B 433 21.08 20.25 -9.46
C HIS B 433 19.62 20.49 -9.83
N GLY B 434 18.84 19.42 -9.92
CA GLY B 434 17.42 19.49 -10.22
C GLY B 434 17.05 19.93 -11.62
N GLN B 435 18.01 20.08 -12.51
CA GLN B 435 17.67 20.53 -13.86
C GLN B 435 18.25 19.65 -14.96
N PHE B 436 19.49 19.18 -14.80
CA PHE B 436 20.23 18.58 -15.89
C PHE B 436 20.20 17.05 -15.81
N SER B 437 20.20 16.42 -16.98
CA SER B 437 20.08 14.96 -17.05
C SER B 437 21.20 14.34 -17.88
N LEU B 438 21.75 15.09 -18.83
CA LEU B 438 22.83 14.62 -19.70
C LEU B 438 23.88 15.71 -19.77
N ALA B 439 25.04 15.48 -19.15
CA ALA B 439 26.09 16.50 -19.06
C ALA B 439 27.43 15.86 -19.44
N VAL B 440 27.77 15.93 -20.72
CA VAL B 440 29.07 15.48 -21.21
C VAL B 440 29.94 16.72 -21.36
N VAL B 441 30.65 17.07 -20.30
CA VAL B 441 31.40 18.33 -20.28
C VAL B 441 32.87 18.04 -20.02
N SER B 442 33.72 18.93 -20.55
CA SER B 442 35.18 18.95 -20.35
C SER B 442 35.83 17.63 -20.79
N LEU B 443 35.62 17.29 -22.05
CA LEU B 443 36.11 16.05 -22.63
C LEU B 443 37.11 16.35 -23.75
N ASN B 444 37.72 15.29 -24.27
CA ASN B 444 38.66 15.37 -25.38
C ASN B 444 38.17 14.48 -26.53
N ILE B 445 36.89 14.58 -26.85
CA ILE B 445 36.27 13.77 -27.87
C ILE B 445 36.03 14.62 -29.11
N THR B 446 35.88 13.95 -30.26
CA THR B 446 35.53 14.61 -31.51
C THR B 446 34.13 14.28 -31.99
N SER B 447 33.48 13.29 -31.39
CA SER B 447 32.10 12.94 -31.73
C SER B 447 31.47 12.26 -30.53
N LEU B 448 30.17 12.50 -30.33
CA LEU B 448 29.48 11.92 -29.19
C LEU B 448 29.26 10.42 -29.38
N GLY B 449 28.70 10.02 -30.51
CA GLY B 449 28.56 8.61 -30.81
C GLY B 449 27.46 7.90 -30.07
N LEU B 450 26.50 8.63 -29.51
CA LEU B 450 25.35 8.02 -28.84
C LEU B 450 24.38 7.53 -29.91
N ARG B 451 24.67 6.33 -30.42
CA ARG B 451 23.99 5.82 -31.61
C ARG B 451 22.60 5.28 -31.33
N SER B 452 22.19 5.16 -30.06
CA SER B 452 20.87 4.63 -29.73
C SER B 452 20.09 5.56 -28.80
N LEU B 453 20.55 6.78 -28.58
CA LEU B 453 19.82 7.72 -27.74
C LEU B 453 18.63 8.26 -28.52
N LYS B 454 17.43 7.81 -28.16
CA LYS B 454 16.22 8.19 -28.88
C LYS B 454 15.22 8.97 -28.05
N GLU B 455 15.31 8.93 -26.72
CA GLU B 455 14.33 9.61 -25.88
C GLU B 455 14.97 9.99 -24.55
N ILE B 456 14.76 11.23 -24.14
CA ILE B 456 15.12 11.71 -22.80
C ILE B 456 13.83 12.16 -22.14
N SER B 457 13.40 11.43 -21.12
CA SER B 457 12.07 11.67 -20.56
C SER B 457 12.00 12.92 -19.69
N ASP B 458 13.12 13.31 -19.09
CA ASP B 458 13.13 14.47 -18.20
C ASP B 458 14.54 15.02 -18.13
N GLY B 459 14.65 16.33 -17.96
CA GLY B 459 15.92 16.96 -17.65
C GLY B 459 16.44 17.82 -18.78
N ASP B 460 17.44 18.65 -18.45
CA ASP B 460 18.12 19.52 -19.38
C ASP B 460 19.41 18.88 -19.86
N VAL B 461 19.84 19.27 -21.05
CA VAL B 461 21.04 18.72 -21.69
C VAL B 461 22.03 19.87 -21.91
N ILE B 462 23.23 19.73 -21.35
CA ILE B 462 24.30 20.69 -21.53
C ILE B 462 25.48 19.99 -22.18
N ILE B 463 26.06 20.63 -23.20
CA ILE B 463 27.34 20.24 -23.78
C ILE B 463 28.17 21.52 -23.84
N SER B 464 29.12 21.66 -22.92
CA SER B 464 29.91 22.87 -22.84
C SER B 464 31.28 22.54 -22.27
N GLY B 465 32.22 23.48 -22.48
CA GLY B 465 33.58 23.32 -21.97
C GLY B 465 34.48 22.41 -22.77
N ASN B 466 33.96 21.78 -23.82
CA ASN B 466 34.76 20.88 -24.64
C ASN B 466 35.64 21.67 -25.60
N LYS B 467 36.72 21.04 -26.05
CA LYS B 467 37.72 21.69 -26.89
C LYS B 467 37.53 21.44 -28.37
N ASN B 468 37.37 20.18 -28.77
CA ASN B 468 37.33 19.80 -30.18
C ASN B 468 36.11 18.93 -30.47
N LEU B 469 34.94 19.36 -29.99
CA LEU B 469 33.70 18.63 -30.18
C LEU B 469 32.70 19.48 -30.96
N CYS B 470 32.63 19.24 -32.27
CA CYS B 470 31.51 19.73 -33.08
C CYS B 470 30.45 18.63 -33.12
N TYR B 471 29.51 18.73 -34.09
CA TYR B 471 28.35 17.83 -34.25
C TYR B 471 27.42 17.93 -33.05
N ALA B 472 27.22 19.15 -32.56
CA ALA B 472 26.40 19.40 -31.39
C ALA B 472 25.20 20.29 -31.68
N ASN B 473 25.35 21.28 -32.55
CA ASN B 473 24.23 22.13 -32.95
C ASN B 473 23.39 21.50 -34.04
N THR B 474 23.78 20.34 -34.57
CA THR B 474 23.04 19.63 -35.60
C THR B 474 22.39 18.37 -35.04
N ILE B 475 21.87 18.45 -33.82
CA ILE B 475 21.20 17.32 -33.18
C ILE B 475 19.68 17.51 -33.17
N ASN B 476 19.20 18.75 -32.99
CA ASN B 476 17.77 19.11 -32.96
C ASN B 476 17.05 18.35 -31.84
N TRP B 477 17.42 18.71 -30.61
CA TRP B 477 16.96 18.04 -29.40
C TRP B 477 15.46 18.18 -29.14
N LYS B 478 14.76 19.06 -29.86
CA LYS B 478 13.33 19.29 -29.62
C LYS B 478 12.46 18.07 -29.95
N LYS B 479 12.96 17.17 -30.79
CA LYS B 479 12.28 15.91 -31.04
C LYS B 479 12.83 14.76 -30.21
N LEU B 480 13.80 15.02 -29.34
CA LEU B 480 14.35 13.99 -28.46
C LEU B 480 13.55 13.87 -27.16
N PHE B 481 13.33 14.98 -26.47
CA PHE B 481 12.52 14.97 -25.27
C PHE B 481 11.05 15.25 -25.61
N GLY B 482 10.16 14.76 -24.76
CA GLY B 482 8.74 14.96 -24.97
C GLY B 482 8.10 15.86 -23.93
N THR B 483 8.73 15.95 -22.76
CA THR B 483 8.21 16.80 -21.69
C THR B 483 8.49 18.26 -22.03
N SER B 484 7.43 19.07 -22.08
CA SER B 484 7.56 20.46 -22.48
C SER B 484 8.19 21.28 -21.35
N GLY B 485 8.72 22.43 -21.73
CA GLY B 485 9.39 23.30 -20.76
C GLY B 485 10.84 22.97 -20.52
N GLN B 486 11.53 22.38 -21.49
CA GLN B 486 12.93 22.01 -21.34
C GLN B 486 13.76 22.69 -22.42
N LYS B 487 14.89 23.25 -22.02
CA LYS B 487 15.82 23.93 -22.91
C LYS B 487 17.02 23.02 -23.19
N THR B 488 18.04 23.60 -23.82
CA THR B 488 19.34 22.95 -23.96
C THR B 488 20.41 24.03 -23.88
N LYS B 489 21.63 23.63 -23.51
CA LYS B 489 22.74 24.57 -23.36
C LYS B 489 23.97 24.00 -24.07
N ILE B 490 24.20 24.45 -25.30
CA ILE B 490 25.35 24.05 -26.10
C ILE B 490 26.02 25.33 -26.59
N ILE B 491 27.21 25.62 -26.08
CA ILE B 491 27.93 26.84 -26.43
C ILE B 491 29.42 26.60 -26.21
N SER B 492 30.25 27.23 -27.06
CA SER B 492 31.71 27.32 -26.91
C SER B 492 32.38 25.95 -26.91
N ASN B 493 31.94 25.08 -27.82
CA ASN B 493 32.53 23.75 -27.96
C ASN B 493 33.60 23.69 -29.04
N ARG B 494 33.23 23.93 -30.29
CA ARG B 494 34.18 23.85 -31.39
C ARG B 494 34.16 25.08 -32.28
N GLY B 495 32.97 25.63 -32.55
CA GLY B 495 32.84 26.68 -33.54
C GLY B 495 32.42 26.13 -34.88
N GLU B 496 31.61 26.92 -35.60
CA GLU B 496 31.08 26.46 -36.88
C GLU B 496 32.13 26.50 -37.98
N ASN B 497 33.12 27.36 -37.85
CA ASN B 497 34.18 27.49 -38.86
C ASN B 497 35.38 26.60 -38.58
N SER B 498 35.30 25.71 -37.59
CA SER B 498 36.42 24.85 -37.25
C SER B 498 36.30 23.46 -37.86
N CYS B 499 35.09 22.90 -37.91
CA CYS B 499 34.83 21.63 -38.58
C CYS B 499 34.42 21.81 -40.05
N LYS B 500 34.88 22.88 -40.69
CA LYS B 500 34.62 23.12 -42.10
C LYS B 500 35.47 22.23 -43.01
N ALA B 501 36.60 21.74 -42.50
CA ALA B 501 37.58 21.02 -43.31
C ALA B 501 37.06 19.64 -43.70
N THR B 502 37.84 18.94 -44.53
CA THR B 502 37.45 17.65 -45.08
C THR B 502 37.45 16.52 -44.06
N GLY B 503 38.09 16.71 -42.91
CA GLY B 503 38.08 15.68 -41.89
C GLY B 503 36.78 15.56 -41.13
N GLN B 504 35.98 16.64 -41.13
CA GLN B 504 34.73 16.66 -40.38
C GLN B 504 33.60 17.16 -41.25
N VAL B 505 32.57 16.32 -41.41
CA VAL B 505 31.32 16.69 -42.05
C VAL B 505 30.24 15.82 -41.41
N CYS B 506 29.00 16.30 -41.42
CA CYS B 506 27.90 15.58 -40.76
C CYS B 506 27.66 14.22 -41.39
N HIS B 507 27.12 14.20 -42.61
CA HIS B 507 27.10 13.13 -43.62
C HIS B 507 26.29 13.68 -44.79
N ALA B 508 26.47 13.06 -45.95
CA ALA B 508 25.57 13.27 -47.06
C ALA B 508 24.42 12.26 -46.97
N LEU B 509 23.53 12.35 -47.97
CA LEU B 509 22.38 11.46 -48.19
C LEU B 509 21.33 11.22 -47.10
N CYS B 510 21.59 11.66 -45.87
CA CYS B 510 20.68 11.44 -44.77
C CYS B 510 20.08 12.79 -44.39
N SER B 511 19.09 12.76 -43.50
CA SER B 511 18.40 13.98 -43.13
C SER B 511 19.29 14.86 -42.25
N PRO B 512 19.14 16.18 -42.32
CA PRO B 512 19.86 17.08 -41.40
C PRO B 512 19.26 17.16 -40.00
N GLU B 513 18.38 16.24 -39.62
CA GLU B 513 17.82 16.22 -38.28
C GLU B 513 18.89 15.93 -37.23
N GLY B 514 19.71 14.91 -37.46
CA GLY B 514 20.75 14.58 -36.49
C GLY B 514 21.83 13.64 -36.99
N CYS B 515 23.07 13.94 -36.62
CA CYS B 515 24.19 13.04 -36.86
C CYS B 515 25.13 13.11 -35.66
N TRP B 516 25.61 11.94 -35.22
CA TRP B 516 26.44 11.86 -34.02
C TRP B 516 27.94 11.84 -34.31
N GLY B 517 28.35 11.45 -35.51
CA GLY B 517 29.75 11.37 -35.84
C GLY B 517 30.00 11.35 -37.34
N PRO B 518 31.28 11.29 -37.73
CA PRO B 518 31.61 11.28 -39.15
C PRO B 518 31.37 9.95 -39.84
N GLU B 519 31.26 8.86 -39.07
CA GLU B 519 31.03 7.55 -39.67
C GLU B 519 29.58 7.47 -40.16
N PRO B 520 29.34 6.79 -41.30
CA PRO B 520 27.97 6.74 -41.85
C PRO B 520 26.93 5.98 -41.01
N ARG B 521 27.32 5.35 -39.91
CA ARG B 521 26.37 4.69 -39.03
C ARG B 521 25.81 5.61 -37.94
N ASP B 522 25.88 6.92 -38.15
CA ASP B 522 25.60 7.88 -37.09
C ASP B 522 24.47 8.87 -37.39
N CYS B 523 23.86 8.82 -38.57
CA CYS B 523 22.69 9.65 -38.82
C CYS B 523 21.50 9.13 -38.02
N VAL B 524 20.74 10.05 -37.43
CA VAL B 524 19.61 9.66 -36.60
C VAL B 524 18.47 9.11 -37.45
N SER B 525 17.98 9.93 -38.38
CA SER B 525 16.91 9.53 -39.28
C SER B 525 17.47 9.52 -40.71
N CYS B 526 17.73 8.32 -41.23
CA CYS B 526 18.18 8.16 -42.60
C CYS B 526 16.96 8.15 -43.52
N ARG B 527 17.04 8.92 -44.60
CA ARG B 527 15.89 9.08 -45.49
C ARG B 527 15.68 7.84 -46.35
N ASN B 528 16.71 7.39 -47.05
CA ASN B 528 16.54 6.29 -48.01
C ASN B 528 16.65 4.93 -47.34
N VAL B 529 17.81 4.62 -46.75
CA VAL B 529 18.15 3.25 -46.36
C VAL B 529 18.52 3.23 -44.88
N SER B 530 17.84 2.37 -44.13
CA SER B 530 18.02 2.26 -42.68
C SER B 530 18.09 0.79 -42.26
N ARG B 531 19.00 0.03 -42.90
CA ARG B 531 19.12 -1.42 -42.74
C ARG B 531 19.33 -1.88 -41.30
N GLY B 532 20.50 -1.58 -40.73
CA GLY B 532 20.76 -1.91 -39.35
C GLY B 532 21.05 -0.67 -38.52
N ARG B 533 22.30 -0.52 -38.12
CA ARG B 533 22.79 0.70 -37.50
C ARG B 533 23.48 1.63 -38.48
N GLU B 534 23.77 1.15 -39.68
CA GLU B 534 24.47 1.91 -40.71
C GLU B 534 23.51 2.31 -41.83
N CYS B 535 23.95 3.26 -42.65
CA CYS B 535 23.16 3.77 -43.76
C CYS B 535 24.07 3.88 -44.98
N VAL B 536 23.59 3.40 -46.12
CA VAL B 536 24.39 3.29 -47.33
C VAL B 536 23.66 4.00 -48.47
N ASP B 537 24.21 3.88 -49.69
CA ASP B 537 23.58 4.45 -50.88
C ASP B 537 22.21 3.82 -51.13
N LYS B 538 22.20 2.52 -51.44
CA LYS B 538 20.96 1.78 -51.60
C LYS B 538 21.23 0.30 -51.35
N CYS B 539 20.22 -0.38 -50.81
CA CYS B 539 20.24 -1.84 -50.75
C CYS B 539 19.76 -2.36 -52.10
N ASN B 540 20.64 -3.07 -52.80
CA ASN B 540 20.49 -3.32 -54.23
C ASN B 540 19.41 -4.35 -54.49
N LEU B 541 18.35 -3.93 -55.19
CA LEU B 541 17.32 -4.85 -55.68
C LEU B 541 17.59 -5.34 -57.10
N LEU B 542 18.60 -4.80 -57.76
CA LEU B 542 18.90 -5.14 -59.15
C LEU B 542 20.29 -5.69 -59.35
N GLU B 543 21.31 -5.13 -58.67
CA GLU B 543 22.70 -5.52 -58.87
C GLU B 543 23.35 -5.96 -57.56
N GLY B 544 22.61 -6.67 -56.73
CA GLY B 544 23.15 -7.16 -55.47
C GLY B 544 22.74 -8.60 -55.21
N GLU B 545 23.68 -9.37 -54.68
CA GLU B 545 23.41 -10.76 -54.34
C GLU B 545 22.51 -10.91 -53.10
N PRO B 546 22.64 -10.09 -52.03
CA PRO B 546 21.52 -10.03 -51.07
C PRO B 546 20.45 -9.06 -51.55
N ARG B 547 19.22 -9.54 -51.56
CA ARG B 547 18.05 -8.75 -51.97
C ARG B 547 17.21 -8.48 -50.73
N GLU B 548 17.00 -7.21 -50.43
CA GLU B 548 16.35 -6.79 -49.19
C GLU B 548 15.08 -6.02 -49.52
N PHE B 549 13.93 -6.55 -49.07
CA PHE B 549 12.65 -5.91 -49.29
C PHE B 549 12.48 -4.71 -48.36
N VAL B 550 11.87 -3.65 -48.88
CA VAL B 550 11.67 -2.43 -48.09
C VAL B 550 10.54 -2.64 -47.10
N GLU B 551 10.83 -2.40 -45.82
CA GLU B 551 9.85 -2.57 -44.75
C GLU B 551 10.02 -1.41 -43.78
N ASN B 552 9.06 -0.47 -43.79
CA ASN B 552 9.04 0.72 -42.94
C ASN B 552 10.30 1.56 -43.10
N SER B 553 10.73 1.73 -44.36
CA SER B 553 11.97 2.40 -44.76
C SER B 553 13.21 1.79 -44.11
N GLU B 554 13.16 0.48 -43.82
CA GLU B 554 14.26 -0.27 -43.22
C GLU B 554 14.33 -1.61 -43.96
N CYS B 555 15.11 -1.65 -45.04
CA CYS B 555 15.21 -2.86 -45.84
C CYS B 555 16.11 -3.87 -45.14
N ILE B 556 15.54 -5.03 -44.80
CA ILE B 556 16.24 -6.09 -44.09
C ILE B 556 16.28 -7.33 -44.99
N GLN B 557 17.14 -8.27 -44.61
CA GLN B 557 17.37 -9.46 -45.42
C GLN B 557 16.15 -10.38 -45.38
N CYS B 558 15.75 -10.87 -46.55
CA CYS B 558 14.62 -11.78 -46.67
C CYS B 558 15.05 -13.21 -46.35
N HIS B 559 14.21 -14.17 -46.71
CA HIS B 559 14.48 -15.58 -46.41
C HIS B 559 15.69 -16.08 -47.19
N PRO B 560 16.64 -16.76 -46.56
CA PRO B 560 17.91 -17.10 -47.23
C PRO B 560 17.79 -18.19 -48.29
N GLU B 561 16.66 -18.89 -48.38
CA GLU B 561 16.47 -19.95 -49.37
C GLU B 561 15.70 -19.45 -50.59
N CYS B 562 15.95 -18.20 -50.98
CA CYS B 562 15.28 -17.59 -52.13
C CYS B 562 16.32 -17.24 -53.17
N LEU B 563 16.11 -17.70 -54.40
CA LEU B 563 17.06 -17.45 -55.49
C LEU B 563 16.94 -16.01 -55.97
N PRO B 564 18.05 -15.28 -56.09
CA PRO B 564 17.98 -13.91 -56.61
C PRO B 564 17.63 -13.91 -58.10
N GLN B 565 16.70 -13.02 -58.46
CA GLN B 565 16.23 -12.93 -59.83
C GLN B 565 17.18 -12.06 -60.67
N ALA B 566 16.83 -11.90 -61.94
CA ALA B 566 17.61 -11.08 -62.88
C ALA B 566 16.78 -9.87 -63.25
N MET B 567 17.16 -8.71 -62.67
CA MET B 567 16.53 -7.40 -62.89
C MET B 567 15.04 -7.43 -62.53
N ASN B 568 14.70 -8.15 -61.46
CA ASN B 568 13.33 -8.29 -61.00
C ASN B 568 13.30 -8.21 -59.48
N ILE B 569 12.09 -8.08 -58.94
CA ILE B 569 11.90 -8.05 -57.49
C ILE B 569 12.00 -9.47 -56.96
N THR B 570 13.01 -9.73 -56.14
CA THR B 570 13.25 -11.08 -55.64
C THR B 570 12.36 -11.41 -54.45
N CYS B 571 12.50 -10.66 -53.36
CA CYS B 571 11.76 -10.90 -52.13
C CYS B 571 10.76 -9.78 -51.90
N THR B 572 9.51 -10.17 -51.59
CA THR B 572 8.45 -9.19 -51.37
C THR B 572 8.32 -8.83 -49.89
N GLY B 573 8.24 -9.82 -49.02
CA GLY B 573 8.13 -9.56 -47.59
C GLY B 573 8.89 -10.56 -46.75
N ARG B 574 8.56 -10.62 -45.45
CA ARG B 574 9.22 -11.53 -44.52
C ARG B 574 8.51 -12.88 -44.57
N GLY B 575 9.19 -13.89 -45.07
CA GLY B 575 8.63 -15.22 -45.16
C GLY B 575 9.06 -15.95 -46.42
N PRO B 576 9.01 -17.28 -46.38
CA PRO B 576 9.39 -18.06 -47.58
C PRO B 576 8.36 -18.00 -48.71
N ASP B 577 7.15 -17.48 -48.45
CA ASP B 577 6.10 -17.43 -49.45
C ASP B 577 6.07 -16.10 -50.22
N ASN B 578 7.22 -15.46 -50.39
CA ASN B 578 7.30 -14.17 -51.06
C ASN B 578 8.40 -14.19 -52.12
N CYS B 579 8.45 -15.26 -52.90
CA CYS B 579 9.44 -15.39 -53.97
C CYS B 579 8.78 -16.00 -55.20
N ILE B 580 9.46 -15.86 -56.33
CA ILE B 580 8.97 -16.40 -57.60
C ILE B 580 9.58 -17.78 -57.82
N GLN B 581 10.91 -17.85 -57.87
CA GLN B 581 11.63 -19.10 -58.08
C GLN B 581 12.36 -19.46 -56.80
N CYS B 582 12.09 -20.66 -56.28
CA CYS B 582 12.74 -21.12 -55.06
C CYS B 582 14.18 -21.56 -55.34
N ALA B 583 14.93 -21.78 -54.27
CA ALA B 583 16.34 -22.14 -54.41
C ALA B 583 16.51 -23.64 -54.65
N HIS B 584 16.07 -24.47 -53.71
CA HIS B 584 16.32 -25.91 -53.76
C HIS B 584 15.03 -26.72 -53.95
N TYR B 585 14.05 -26.57 -53.05
CA TYR B 585 12.83 -27.35 -53.17
C TYR B 585 11.62 -26.46 -52.90
N ILE B 586 10.48 -26.87 -53.45
CA ILE B 586 9.24 -26.12 -53.39
C ILE B 586 8.25 -26.92 -52.55
N ASP B 587 7.82 -26.35 -51.43
CA ASP B 587 6.79 -26.94 -50.56
C ASP B 587 5.62 -25.97 -50.59
N GLY B 588 4.75 -26.13 -51.59
CA GLY B 588 3.63 -25.24 -51.78
C GLY B 588 4.08 -23.84 -52.16
N PRO B 589 3.73 -22.86 -51.32
CA PRO B 589 4.28 -21.51 -51.50
C PRO B 589 5.66 -21.34 -50.88
N HIS B 590 6.13 -22.29 -50.08
CA HIS B 590 7.38 -22.14 -49.34
C HIS B 590 8.56 -22.62 -50.17
N CYS B 591 9.70 -21.97 -49.97
CA CYS B 591 10.96 -22.33 -50.61
C CYS B 591 11.83 -23.00 -49.54
N VAL B 592 11.86 -24.33 -49.56
CA VAL B 592 12.51 -25.09 -48.50
C VAL B 592 13.84 -25.62 -49.00
N LYS B 593 14.76 -25.86 -48.03
CA LYS B 593 16.08 -26.36 -48.34
C LYS B 593 16.04 -27.84 -48.72
N THR B 594 15.25 -28.63 -48.02
CA THR B 594 15.12 -30.06 -48.29
C THR B 594 13.73 -30.39 -48.81
N GLU C 9 48.45 22.43 4.04
CA GLU C 9 48.08 22.65 5.44
C GLU C 9 47.69 21.34 6.12
N CYS C 10 46.77 20.62 5.49
CA CYS C 10 46.34 19.34 6.03
C CYS C 10 47.41 18.28 5.79
N PRO C 11 47.54 17.29 6.70
CA PRO C 11 48.61 16.29 6.57
C PRO C 11 48.42 15.30 5.41
N LEU C 12 49.33 14.33 5.32
CA LEU C 12 49.34 13.38 4.22
C LEU C 12 48.20 12.36 4.28
N SER C 13 47.51 12.24 5.41
CA SER C 13 46.34 11.38 5.48
C SER C 13 45.17 11.92 4.69
N HIS C 14 45.13 13.23 4.44
CA HIS C 14 44.10 13.85 3.63
C HIS C 14 44.66 14.42 2.32
N ASP C 15 45.77 13.88 1.85
CA ASP C 15 46.35 14.29 0.57
C ASP C 15 45.55 13.65 -0.55
N GLY C 16 45.22 14.44 -1.57
CA GLY C 16 44.38 13.96 -2.65
C GLY C 16 42.90 13.91 -2.32
N TYR C 17 42.49 14.44 -1.16
CA TYR C 17 41.08 14.44 -0.79
C TYR C 17 40.29 15.44 -1.62
N CYS C 18 40.93 16.49 -2.11
CA CYS C 18 40.24 17.56 -2.80
C CYS C 18 40.61 17.54 -4.28
N LEU C 19 39.63 17.83 -5.13
CA LEU C 19 39.75 17.64 -6.56
C LEU C 19 39.73 18.97 -7.31
N HIS C 20 40.13 18.89 -8.59
CA HIS C 20 40.06 20.00 -9.56
C HIS C 20 40.84 21.23 -9.09
N ASP C 21 42.06 20.99 -8.60
CA ASP C 21 43.00 22.01 -8.15
C ASP C 21 42.45 22.87 -7.02
N GLY C 22 41.57 22.30 -6.19
CA GLY C 22 41.08 22.97 -5.00
C GLY C 22 42.00 22.65 -3.84
N VAL C 23 42.43 23.68 -3.14
CA VAL C 23 43.47 23.52 -2.13
C VAL C 23 42.84 23.07 -0.81
N CYS C 24 43.53 22.17 -0.12
CA CYS C 24 43.07 21.63 1.15
C CYS C 24 43.33 22.62 2.28
N MET C 25 42.34 22.78 3.16
CA MET C 25 42.44 23.69 4.29
C MET C 25 42.03 22.96 5.57
N TYR C 26 42.57 23.43 6.70
CA TYR C 26 42.27 22.87 8.01
C TYR C 26 41.60 23.95 8.85
N ILE C 27 40.32 23.79 9.10
CA ILE C 27 39.55 24.72 9.94
C ILE C 27 39.76 24.30 11.39
N GLU C 28 40.52 25.11 12.13
CA GLU C 28 40.81 24.84 13.53
C GLU C 28 39.69 25.29 14.46
N ALA C 29 38.75 26.10 13.97
CA ALA C 29 37.61 26.50 14.78
C ALA C 29 36.63 25.36 15.00
N LEU C 30 36.62 24.37 14.11
CA LEU C 30 35.74 23.22 14.25
C LEU C 30 36.48 21.89 14.12
N ASP C 31 37.80 21.91 13.95
CA ASP C 31 38.66 20.73 13.71
C ASP C 31 38.15 19.94 12.50
N LYS C 32 38.11 20.61 11.36
CA LYS C 32 37.57 20.04 10.13
C LYS C 32 38.58 20.16 9.00
N TYR C 33 38.44 19.28 8.02
CA TYR C 33 39.23 19.27 6.80
C TYR C 33 38.34 19.68 5.64
N ALA C 34 38.67 20.79 4.98
CA ALA C 34 37.79 21.40 4.01
C ALA C 34 38.53 21.68 2.71
N CYS C 35 37.78 22.06 1.69
CA CYS C 35 38.31 22.43 0.39
C CYS C 35 38.21 23.94 0.17
N ASN C 36 38.98 24.40 -0.81
CA ASN C 36 38.82 25.72 -1.41
C ASN C 36 38.88 25.48 -2.91
N CYS C 37 37.72 25.54 -3.56
CA CYS C 37 37.64 25.30 -5.00
C CYS C 37 38.20 26.47 -5.78
N VAL C 38 38.49 26.23 -7.05
CA VAL C 38 38.73 27.30 -8.00
C VAL C 38 37.38 27.80 -8.49
N VAL C 39 37.36 28.94 -9.18
CA VAL C 39 36.11 29.57 -9.59
C VAL C 39 35.49 28.72 -10.71
N GLY C 40 34.37 28.06 -10.40
CA GLY C 40 33.64 27.32 -11.40
C GLY C 40 33.04 26.01 -10.92
N TYR C 41 33.56 25.46 -9.82
CA TYR C 41 33.13 24.14 -9.35
C TYR C 41 32.27 24.28 -8.10
N ILE C 42 31.76 23.14 -7.64
CA ILE C 42 30.86 23.08 -6.49
C ILE C 42 30.96 21.68 -5.91
N GLY C 43 30.67 21.55 -4.62
CA GLY C 43 30.65 20.26 -3.95
C GLY C 43 31.48 20.27 -2.69
N GLU C 44 31.46 19.11 -2.01
CA GLU C 44 32.22 18.96 -0.78
C GLU C 44 33.71 18.80 -1.04
N ARG C 45 34.07 17.98 -2.03
CA ARG C 45 35.46 17.74 -2.39
C ARG C 45 35.83 18.41 -3.71
N CYS C 46 35.10 19.48 -4.07
CA CYS C 46 35.21 20.18 -5.36
C CYS C 46 35.06 19.22 -6.54
N GLN C 47 34.07 18.34 -6.45
CA GLN C 47 33.93 17.23 -7.38
C GLN C 47 32.92 17.48 -8.49
N TYR C 48 32.07 18.50 -8.37
CA TYR C 48 31.03 18.77 -9.35
C TYR C 48 31.30 20.11 -10.05
N ARG C 49 30.89 20.18 -11.31
CA ARG C 49 30.97 21.41 -12.08
C ARG C 49 29.62 22.11 -12.05
N ASP C 50 29.64 23.44 -11.88
CA ASP C 50 28.42 24.24 -11.88
C ASP C 50 27.84 24.24 -13.29
N LEU C 51 26.80 23.44 -13.50
CA LEU C 51 26.24 23.25 -14.82
C LEU C 51 25.24 24.33 -15.22
N LYS C 52 24.78 25.15 -14.29
CA LYS C 52 23.80 26.18 -14.61
C LYS C 52 24.39 27.36 -15.37
N TRP C 53 25.71 27.42 -15.53
CA TRP C 53 26.36 28.50 -16.27
C TRP C 53 27.36 27.92 -17.27
N TRP C 54 28.21 28.78 -17.82
CA TRP C 54 29.13 28.39 -18.89
C TRP C 54 30.17 27.40 -18.39
N GLU C 55 30.58 26.50 -19.28
CA GLU C 55 31.54 25.42 -19.05
C GLU C 55 31.18 24.53 -17.86
#